data_4JFP
#
_entry.id   4JFP
#
_cell.length_a   202.590
_cell.length_b   49.110
_cell.length_c   117.600
_cell.angle_alpha   90.000
_cell.angle_beta   123.020
_cell.angle_gamma   90.000
#
_symmetry.space_group_name_H-M   'C 1 2 1'
#
loop_
_entity.id
_entity.type
_entity.pdbx_description
1 polymer 'HLA class I histocompatibility antigen, A-2 alpha chain'
2 polymer Beta-2-microglobulin
3 polymer 'G4A heteroclitic Melanoma peptide'
4 non-polymer GLYCEROL
5 non-polymer 1,2-ETHANEDIOL
6 non-polymer 'SULFATE ION'
7 non-polymer '4-(2-HYDROXYETHYL)-1-PIPERAZINE ETHANESULFONIC ACID'
8 water water
#
loop_
_entity_poly.entity_id
_entity_poly.type
_entity_poly.pdbx_seq_one_letter_code
_entity_poly.pdbx_strand_id
1 'polypeptide(L)'
;GSHSMRYFFTSVSRPGRGEPRFIAVGYVDDTQFVRFDSDAASQRMEPRAPWIEQEGPEYWDGETRKVKAHSQTHRVDLGT
LRGYYNQSEAGSHTVQRMYGCDVGSDWRFLRGYHQYAYDGKDYIALKEDLRSWTAADMAAQTTKHKWEAAHVAEQLRAYL
EGTCVEWLRRYLENGKETLQRTDAPKTHMTHHAVSDHEATLRCWALSFYPAEITLTWQRDGEDQTQDTELVETRPAGDGT
FQKWAAVVVPSGQEQRYTCHVQHEGLPKPLTLRWEP
;
A,D
2 'polypeptide(L)'
;MIQRTPKIQVYSRHPAENGKSNFLNCYVSGFHPSDIEVDLLKNGERIEKVEHSDLSFSKDWSFYLLYYTEFTPTEKDEYA
CRVNHVTLSQPKIVKWDRDM
;
B,E
3 'polypeptide(L)' ELAAIGILTV C,F
#
loop_
_chem_comp.id
_chem_comp.type
_chem_comp.name
_chem_comp.formula
EDO non-polymer 1,2-ETHANEDIOL 'C2 H6 O2'
EPE non-polymer '4-(2-HYDROXYETHYL)-1-PIPERAZINE ETHANESULFONIC ACID' 'C8 H18 N2 O4 S'
GOL non-polymer GLYCEROL 'C3 H8 O3'
SO4 non-polymer 'SULFATE ION' 'O4 S -2'
#
# COMPACT_ATOMS: atom_id res chain seq x y z
N GLY A 1 -16.16 -1.44 -2.97
CA GLY A 1 -16.91 -0.18 -3.25
C GLY A 1 -17.70 -0.26 -4.54
N SER A 2 -18.13 0.89 -5.04
CA SER A 2 -18.89 0.95 -6.25
C SER A 2 -17.94 0.90 -7.44
N HIS A 3 -18.43 0.44 -8.58
CA HIS A 3 -17.64 0.36 -9.77
C HIS A 3 -18.44 0.83 -10.97
N SER A 4 -17.76 1.09 -12.08
CA SER A 4 -18.44 1.56 -13.28
C SER A 4 -17.79 1.09 -14.56
N MET A 5 -18.59 1.01 -15.63
CA MET A 5 -18.07 0.74 -16.98
C MET A 5 -18.61 1.87 -17.82
N ARG A 6 -17.74 2.57 -18.53
CA ARG A 6 -18.17 3.67 -19.35
C ARG A 6 -17.52 3.58 -20.70
N TYR A 7 -18.28 3.93 -21.77
CA TYR A 7 -17.74 4.03 -23.14
C TYR A 7 -17.91 5.51 -23.62
N PHE A 8 -16.86 6.04 -24.24
CA PHE A 8 -16.82 7.40 -24.70
C PHE A 8 -16.53 7.41 -26.18
N PHE A 9 -17.32 8.16 -26.94
CA PHE A 9 -17.16 8.23 -28.38
C PHE A 9 -17.10 9.68 -28.83
N THR A 10 -16.14 9.98 -29.70
CA THR A 10 -16.00 11.28 -30.29
C THR A 10 -15.89 11.17 -31.80
N SER A 11 -16.68 11.98 -32.50
CA SER A 11 -16.61 12.07 -33.97
C SER A 11 -16.45 13.54 -34.36
N VAL A 12 -15.49 13.83 -35.25
CA VAL A 12 -15.18 15.20 -35.67
C VAL A 12 -15.18 15.32 -37.16
N SER A 13 -15.99 16.23 -37.68
CA SER A 13 -16.05 16.39 -39.15
C SER A 13 -14.80 17.11 -39.63
N ARG A 14 -14.48 16.88 -40.89
CA ARG A 14 -13.29 17.44 -41.51
C ARG A 14 -13.64 18.06 -42.83
N PRO A 15 -14.14 19.31 -42.80
CA PRO A 15 -14.52 20.00 -44.03
C PRO A 15 -13.45 19.96 -45.12
N GLY A 16 -13.84 19.49 -46.31
CA GLY A 16 -12.92 19.41 -47.45
C GLY A 16 -11.75 18.44 -47.28
N ARG A 17 -11.81 17.64 -46.21
N ARG A 17 -11.78 17.63 -46.23
CA ARG A 17 -10.74 16.68 -45.88
CA ARG A 17 -10.71 16.66 -46.05
C ARG A 17 -11.27 15.25 -45.65
C ARG A 17 -11.24 15.25 -45.69
N GLY A 18 -12.40 14.90 -46.26
CA GLY A 18 -12.99 13.52 -46.14
C GLY A 18 -13.81 13.07 -44.95
N GLU A 19 -13.62 11.78 -44.62
CA GLU A 19 -14.33 11.14 -43.57
C GLU A 19 -13.99 11.72 -42.19
N PRO A 20 -14.96 11.76 -41.31
CA PRO A 20 -14.74 12.27 -39.95
C PRO A 20 -13.79 11.41 -39.13
N ARG A 21 -13.10 12.05 -38.21
CA ARG A 21 -12.27 11.35 -37.29
C ARG A 21 -13.20 10.69 -36.26
N PHE A 22 -12.91 9.43 -35.91
CA PHE A 22 -13.71 8.72 -34.94
C PHE A 22 -12.82 8.00 -33.91
N ILE A 23 -13.09 8.27 -32.61
CA ILE A 23 -12.33 7.69 -31.52
C ILE A 23 -13.27 7.14 -30.46
N ALA A 24 -13.06 5.86 -30.05
CA ALA A 24 -13.85 5.28 -29.01
C ALA A 24 -12.94 4.70 -27.96
N VAL A 25 -13.30 4.89 -26.69
N VAL A 25 -13.32 4.89 -26.69
CA VAL A 25 -12.50 4.32 -25.63
CA VAL A 25 -12.54 4.41 -25.58
C VAL A 25 -13.43 3.77 -24.57
C VAL A 25 -13.46 3.78 -24.55
N GLY A 26 -12.99 2.71 -23.91
CA GLY A 26 -13.78 2.05 -22.87
C GLY A 26 -12.99 2.04 -21.58
N TYR A 27 -13.70 2.25 -20.45
CA TYR A 27 -13.11 2.27 -19.12
C TYR A 27 -13.90 1.45 -18.11
N VAL A 28 -13.18 0.84 -17.21
CA VAL A 28 -13.76 0.21 -16.04
C VAL A 28 -13.14 1.06 -14.92
N ASP A 29 -13.98 1.75 -14.17
CA ASP A 29 -13.53 2.69 -13.12
C ASP A 29 -12.61 3.72 -13.76
N ASP A 30 -11.42 3.89 -13.26
CA ASP A 30 -10.49 4.90 -13.83
C ASP A 30 -9.45 4.25 -14.75
N THR A 31 -9.73 3.00 -15.18
CA THR A 31 -8.80 2.22 -15.98
C THR A 31 -9.29 1.96 -17.38
N GLN A 32 -8.55 2.44 -18.37
CA GLN A 32 -8.94 2.19 -19.76
C GLN A 32 -8.65 0.76 -20.15
N PHE A 33 -9.55 0.12 -20.88
CA PHE A 33 -9.29 -1.26 -21.32
C PHE A 33 -9.39 -1.52 -22.86
N VAL A 34 -10.02 -0.62 -23.60
CA VAL A 34 -10.10 -0.77 -25.09
C VAL A 34 -10.13 0.56 -25.80
N ARG A 35 -9.80 0.54 -27.08
CA ARG A 35 -9.87 1.75 -27.88
C ARG A 35 -10.04 1.41 -29.35
N PHE A 36 -10.61 2.36 -30.08
CA PHE A 36 -10.70 2.28 -31.53
C PHE A 36 -10.39 3.67 -32.03
N ASP A 37 -9.51 3.80 -33.02
CA ASP A 37 -9.18 5.10 -33.59
C ASP A 37 -9.19 4.97 -35.10
N SER A 38 -10.01 5.75 -35.76
CA SER A 38 -10.12 5.69 -37.24
C SER A 38 -8.81 5.99 -37.97
N ASP A 39 -7.91 6.74 -37.34
CA ASP A 39 -6.57 7.05 -37.96
C ASP A 39 -5.59 5.91 -37.79
N ALA A 40 -5.95 4.90 -36.97
CA ALA A 40 -5.01 3.76 -36.71
C ALA A 40 -4.93 2.76 -37.87
N ALA A 41 -3.76 2.12 -37.99
CA ALA A 41 -3.50 1.12 -39.07
C ALA A 41 -4.42 -0.10 -38.98
N SER A 42 -4.68 -0.53 -37.76
CA SER A 42 -5.45 -1.71 -37.48
C SER A 42 -6.88 -1.74 -37.99
N GLN A 43 -7.60 -0.62 -37.81
CA GLN A 43 -9.04 -0.54 -38.14
C GLN A 43 -9.83 -1.60 -37.30
N ARG A 44 -9.30 -1.89 -36.11
CA ARG A 44 -9.89 -2.88 -35.18
C ARG A 44 -9.97 -2.32 -33.79
N MET A 45 -10.90 -2.85 -32.99
CA MET A 45 -10.94 -2.51 -31.61
C MET A 45 -9.63 -3.17 -31.05
N GLU A 46 -8.95 -2.47 -30.15
CA GLU A 46 -7.73 -2.95 -29.61
C GLU A 46 -7.73 -2.89 -28.07
N PRO A 47 -7.01 -3.84 -27.43
CA PRO A 47 -6.86 -3.93 -25.97
C PRO A 47 -5.92 -2.87 -25.46
N ARG A 48 -6.19 -2.34 -24.26
CA ARG A 48 -5.32 -1.34 -23.62
C ARG A 48 -5.07 -1.73 -22.15
N ALA A 49 -5.48 -2.93 -21.81
CA ALA A 49 -5.26 -3.45 -20.46
C ALA A 49 -4.93 -4.92 -20.58
N PRO A 50 -4.03 -5.41 -19.69
CA PRO A 50 -3.60 -6.78 -19.69
C PRO A 50 -4.72 -7.81 -19.55
N TRP A 51 -5.69 -7.52 -18.71
CA TRP A 51 -6.77 -8.46 -18.43
C TRP A 51 -7.82 -8.69 -19.56
N ILE A 52 -7.89 -7.79 -20.55
CA ILE A 52 -8.86 -7.94 -21.64
C ILE A 52 -8.24 -8.75 -22.83
N GLU A 53 -6.92 -8.83 -22.85
CA GLU A 53 -6.23 -9.56 -23.93
C GLU A 53 -6.64 -11.03 -24.00
N GLN A 54 -7.01 -11.61 -22.87
CA GLN A 54 -7.41 -13.06 -22.80
C GLN A 54 -8.69 -13.35 -23.59
N GLU A 55 -9.51 -12.31 -23.81
CA GLU A 55 -10.74 -12.47 -24.57
C GLU A 55 -10.41 -13.04 -25.98
N GLY A 56 -11.20 -14.00 -26.43
CA GLY A 56 -10.97 -14.67 -27.71
C GLY A 56 -11.32 -13.85 -28.96
N PRO A 57 -11.04 -14.42 -30.13
CA PRO A 57 -11.33 -13.76 -31.40
C PRO A 57 -12.80 -13.42 -31.57
N GLU A 58 -13.68 -14.21 -30.96
CA GLU A 58 -15.14 -13.93 -31.02
C GLU A 58 -15.39 -12.55 -30.42
N TYR A 59 -14.72 -12.27 -29.31
CA TYR A 59 -14.88 -10.99 -28.63
C TYR A 59 -14.41 -9.82 -29.50
N TRP A 60 -13.17 -9.90 -29.97
CA TRP A 60 -12.59 -8.82 -30.77
C TRP A 60 -13.32 -8.57 -32.12
N ASP A 61 -13.76 -9.64 -32.81
CA ASP A 61 -14.50 -9.48 -34.06
C ASP A 61 -15.83 -8.75 -33.78
N GLY A 62 -16.52 -9.17 -32.71
CA GLY A 62 -17.80 -8.58 -32.32
C GLY A 62 -17.70 -7.13 -31.91
N GLU A 63 -16.65 -6.78 -31.14
CA GLU A 63 -16.50 -5.39 -30.69
C GLU A 63 -16.10 -4.51 -31.86
N THR A 64 -15.33 -5.04 -32.79
CA THR A 64 -14.91 -4.31 -33.94
C THR A 64 -16.11 -4.01 -34.82
N ARG A 65 -16.98 -5.01 -35.04
CA ARG A 65 -18.18 -4.78 -35.84
C ARG A 65 -19.11 -3.75 -35.18
N LYS A 66 -19.32 -3.86 -33.86
CA LYS A 66 -20.18 -2.91 -33.19
C LYS A 66 -19.60 -1.50 -33.18
N VAL A 67 -18.29 -1.37 -32.98
CA VAL A 67 -17.70 -0.04 -32.89
C VAL A 67 -17.73 0.64 -34.27
N LYS A 68 -17.59 -0.14 -35.31
CA LYS A 68 -17.68 0.41 -36.70
C LYS A 68 -19.12 0.85 -36.99
N ALA A 69 -20.09 0.17 -36.37
CA ALA A 69 -21.51 0.56 -36.52
C ALA A 69 -21.78 1.86 -35.75
N HIS A 70 -21.14 2.03 -34.55
CA HIS A 70 -21.27 3.27 -33.83
C HIS A 70 -20.64 4.42 -34.69
N SER A 71 -19.51 4.13 -35.33
CA SER A 71 -18.82 5.11 -36.20
C SER A 71 -19.70 5.53 -37.36
N GLN A 72 -20.35 4.57 -38.01
CA GLN A 72 -21.22 4.88 -39.13
C GLN A 72 -22.48 5.70 -38.69
N THR A 73 -23.04 5.40 -37.53
CA THR A 73 -24.20 6.17 -37.06
C THR A 73 -23.78 7.61 -36.79
N HIS A 74 -22.55 7.82 -36.22
CA HIS A 74 -22.05 9.18 -35.95
C HIS A 74 -21.77 9.93 -37.23
N ARG A 75 -21.28 9.22 -38.23
CA ARG A 75 -21.02 9.77 -39.52
C ARG A 75 -22.35 10.37 -40.09
N VAL A 76 -23.42 9.58 -40.02
CA VAL A 76 -24.73 10.05 -40.48
C VAL A 76 -25.19 11.24 -39.61
N ASP A 77 -25.03 11.12 -38.28
CA ASP A 77 -25.43 12.21 -37.34
C ASP A 77 -24.79 13.52 -37.68
N LEU A 78 -23.48 13.52 -37.95
CA LEU A 78 -22.82 14.78 -38.28
C LEU A 78 -23.51 15.48 -39.45
N GLY A 79 -23.91 14.71 -40.46
CA GLY A 79 -24.64 15.23 -41.62
C GLY A 79 -26.04 15.73 -41.20
N THR A 80 -26.71 14.95 -40.37
CA THR A 80 -28.08 15.30 -39.92
C THR A 80 -28.10 16.60 -39.07
N LEU A 81 -27.13 16.72 -38.16
CA LEU A 81 -27.03 17.90 -37.25
C LEU A 81 -26.67 19.15 -38.02
N ARG A 82 -25.77 19.04 -39.02
CA ARG A 82 -25.44 20.17 -39.84
C ARG A 82 -26.75 20.71 -40.49
N GLY A 83 -27.61 19.79 -40.91
CA GLY A 83 -28.88 20.16 -41.51
C GLY A 83 -29.83 20.78 -40.51
N TYR A 84 -29.96 20.14 -39.35
CA TYR A 84 -30.84 20.61 -38.30
C TYR A 84 -30.53 22.01 -37.86
N TYR A 85 -29.25 22.37 -37.85
CA TYR A 85 -28.87 23.71 -37.39
C TYR A 85 -28.53 24.62 -38.55
N ASN A 86 -28.72 24.10 -39.78
CA ASN A 86 -28.42 24.85 -41.06
C ASN A 86 -27.00 25.44 -41.05
N GLN A 87 -26.04 24.65 -40.68
CA GLN A 87 -24.64 25.11 -40.60
C GLN A 87 -23.97 24.94 -41.95
N SER A 88 -22.97 25.73 -42.23
CA SER A 88 -22.32 25.65 -43.52
C SER A 88 -21.40 24.48 -43.57
N GLU A 89 -20.93 24.21 -44.76
CA GLU A 89 -20.01 23.08 -45.03
C GLU A 89 -18.56 23.40 -44.65
N ALA A 90 -18.26 24.67 -44.41
CA ALA A 90 -16.87 25.11 -44.11
C ALA A 90 -16.38 24.82 -42.72
N GLY A 91 -17.28 24.59 -41.79
CA GLY A 91 -16.87 24.39 -40.43
C GLY A 91 -16.79 22.97 -39.96
N SER A 92 -15.92 22.75 -38.97
CA SER A 92 -15.77 21.44 -38.35
C SER A 92 -16.67 21.39 -37.14
N HIS A 93 -17.34 20.25 -36.94
CA HIS A 93 -18.27 20.05 -35.82
C HIS A 93 -18.00 18.76 -35.13
N THR A 94 -18.44 18.67 -33.88
CA THR A 94 -18.19 17.51 -33.04
C THR A 94 -19.40 16.86 -32.45
N VAL A 95 -19.43 15.54 -32.50
CA VAL A 95 -20.43 14.79 -31.79
C VAL A 95 -19.71 13.93 -30.74
N GLN A 96 -20.32 13.87 -29.56
CA GLN A 96 -19.82 13.06 -28.40
C GLN A 96 -20.94 12.27 -27.79
N ARG A 97 -20.64 11.03 -27.43
CA ARG A 97 -21.55 10.18 -26.84
C ARG A 97 -20.89 9.45 -25.70
N MET A 98 -21.62 9.26 -24.63
CA MET A 98 -21.11 8.50 -23.47
C MET A 98 -22.21 7.68 -22.90
N TYR A 99 -21.91 6.42 -22.54
CA TYR A 99 -22.86 5.60 -21.86
C TYR A 99 -22.21 4.59 -20.99
N GLY A 100 -22.96 4.07 -20.05
CA GLY A 100 -22.41 3.08 -19.15
C GLY A 100 -23.24 2.84 -17.97
N CYS A 101 -22.73 2.03 -17.06
CA CYS A 101 -23.47 1.67 -15.87
C CYS A 101 -22.60 1.66 -14.58
N ASP A 102 -23.27 1.88 -13.45
CA ASP A 102 -22.62 1.81 -12.11
C ASP A 102 -23.24 0.64 -11.34
N VAL A 103 -22.43 -0.05 -10.56
CA VAL A 103 -22.91 -1.13 -9.69
C VAL A 103 -22.45 -0.81 -8.29
N GLY A 104 -23.19 -1.26 -7.29
CA GLY A 104 -22.85 -1.00 -5.87
C GLY A 104 -21.83 -2.01 -5.35
N SER A 105 -21.58 -1.99 -4.04
CA SER A 105 -20.62 -2.93 -3.42
C SER A 105 -21.01 -4.38 -3.66
N ASP A 106 -22.31 -4.64 -3.70
CA ASP A 106 -22.83 -5.98 -3.92
C ASP A 106 -22.78 -6.38 -5.41
N TRP A 107 -22.22 -5.46 -6.25
CA TRP A 107 -22.11 -5.67 -7.73
C TRP A 107 -23.47 -5.72 -8.43
N ARG A 108 -24.47 -5.11 -7.81
CA ARG A 108 -25.80 -5.02 -8.41
C ARG A 108 -25.96 -3.64 -9.01
N PHE A 109 -26.81 -3.57 -10.02
CA PHE A 109 -27.05 -2.34 -10.75
C PHE A 109 -27.43 -1.18 -9.82
N LEU A 110 -26.77 -0.05 -10.01
CA LEU A 110 -27.05 1.19 -9.27
C LEU A 110 -27.71 2.18 -10.18
N ARG A 111 -27.04 2.50 -11.27
CA ARG A 111 -27.60 3.45 -12.25
C ARG A 111 -27.03 3.27 -13.65
N GLY A 112 -27.70 3.87 -14.61
CA GLY A 112 -27.30 3.78 -15.97
C GLY A 112 -27.33 5.14 -16.57
N TYR A 113 -26.53 5.33 -17.63
N TYR A 113 -26.65 5.33 -17.68
CA TYR A 113 -26.39 6.61 -18.32
CA TYR A 113 -26.63 6.62 -18.32
C TYR A 113 -26.30 6.47 -19.84
C TYR A 113 -26.25 6.54 -19.80
N HIS A 114 -26.75 7.51 -20.55
CA HIS A 114 -26.54 7.60 -21.96
C HIS A 114 -26.75 9.08 -22.28
N GLN A 115 -25.67 9.77 -22.66
CA GLN A 115 -25.76 11.19 -22.99
C GLN A 115 -25.09 11.49 -24.32
N TYR A 116 -25.56 12.55 -24.97
CA TYR A 116 -25.11 12.92 -26.26
C TYR A 116 -24.93 14.41 -26.32
N ALA A 117 -23.84 14.85 -26.98
CA ALA A 117 -23.57 16.25 -27.13
C ALA A 117 -23.18 16.58 -28.52
N TYR A 118 -23.48 17.81 -28.91
CA TYR A 118 -23.11 18.36 -30.20
C TYR A 118 -22.42 19.68 -29.96
N ASP A 119 -21.24 19.81 -30.57
CA ASP A 119 -20.37 21.02 -30.43
C ASP A 119 -20.11 21.41 -28.97
N GLY A 120 -19.91 20.41 -28.13
CA GLY A 120 -19.54 20.62 -26.74
C GLY A 120 -20.67 20.95 -25.80
N LYS A 121 -21.90 20.82 -26.28
CA LYS A 121 -23.06 21.11 -25.49
C LYS A 121 -24.06 19.95 -25.47
N ASP A 122 -24.68 19.75 -24.29
CA ASP A 122 -25.76 18.76 -24.16
C ASP A 122 -26.74 18.87 -25.32
N TYR A 123 -27.05 17.73 -25.94
CA TYR A 123 -28.02 17.69 -27.03
C TYR A 123 -29.25 16.92 -26.51
N ILE A 124 -29.04 15.67 -26.11
CA ILE A 124 -30.11 14.86 -25.55
C ILE A 124 -29.51 13.86 -24.53
N ALA A 125 -30.26 13.54 -23.51
CA ALA A 125 -29.79 12.65 -22.46
C ALA A 125 -30.90 11.82 -21.91
N LEU A 126 -30.58 10.61 -21.56
CA LEU A 126 -31.51 9.73 -20.97
C LEU A 126 -31.60 10.08 -19.50
N LYS A 127 -32.83 10.19 -18.96
CA LYS A 127 -33.02 10.51 -17.54
C LYS A 127 -32.69 9.33 -16.70
N GLU A 128 -32.53 9.57 -15.40
CA GLU A 128 -32.13 8.51 -14.49
C GLU A 128 -33.12 7.32 -14.44
N ASP A 129 -34.38 7.54 -14.71
CA ASP A 129 -35.37 6.46 -14.70
C ASP A 129 -35.16 5.51 -15.92
N LEU A 130 -34.30 5.94 -16.85
CA LEU A 130 -33.99 5.19 -18.09
C LEU A 130 -35.28 4.96 -18.92
N ARG A 131 -36.24 5.87 -18.79
CA ARG A 131 -37.53 5.74 -19.51
C ARG A 131 -37.87 6.95 -20.36
N SER A 132 -37.25 8.08 -20.07
CA SER A 132 -37.58 9.32 -20.75
C SER A 132 -36.35 10.11 -21.09
N TRP A 133 -36.51 11.14 -21.92
CA TRP A 133 -35.41 11.93 -22.42
C TRP A 133 -35.47 13.40 -22.08
N THR A 134 -34.29 14.01 -21.91
CA THR A 134 -34.20 15.44 -21.75
C THR A 134 -33.57 15.99 -23.05
N ALA A 135 -34.31 16.85 -23.76
CA ALA A 135 -33.84 17.45 -25.01
C ALA A 135 -33.44 18.90 -24.75
N ALA A 136 -32.28 19.27 -25.24
CA ALA A 136 -31.75 20.64 -24.97
C ALA A 136 -32.42 21.77 -25.76
N ASP A 137 -32.89 21.48 -26.97
CA ASP A 137 -33.51 22.52 -27.79
C ASP A 137 -34.49 21.90 -28.79
N MET A 138 -35.05 22.73 -29.68
CA MET A 138 -36.04 22.23 -30.67
C MET A 138 -35.49 21.20 -31.66
N ALA A 139 -34.21 21.32 -32.04
CA ALA A 139 -33.61 20.34 -32.94
C ALA A 139 -33.56 18.98 -32.20
N ALA A 140 -33.15 19.01 -30.95
CA ALA A 140 -33.06 17.78 -30.14
C ALA A 140 -34.45 17.18 -29.89
N GLN A 141 -35.49 18.02 -29.88
CA GLN A 141 -36.88 17.51 -29.73
C GLN A 141 -37.28 16.61 -30.92
N THR A 142 -36.74 16.91 -32.10
CA THR A 142 -36.97 16.07 -33.31
C THR A 142 -36.37 14.70 -33.07
N THR A 143 -35.14 14.67 -32.55
CA THR A 143 -34.49 13.45 -32.25
C THR A 143 -35.27 12.69 -31.15
N LYS A 144 -35.73 13.41 -30.13
CA LYS A 144 -36.50 12.78 -29.02
C LYS A 144 -37.74 12.06 -29.54
N HIS A 145 -38.48 12.69 -30.47
CA HIS A 145 -39.67 12.05 -31.01
C HIS A 145 -39.31 10.78 -31.86
N LYS A 146 -38.22 10.84 -32.60
CA LYS A 146 -37.75 9.66 -33.38
C LYS A 146 -37.41 8.51 -32.42
N TRP A 147 -36.70 8.85 -31.37
CA TRP A 147 -36.24 7.87 -30.39
C TRP A 147 -37.36 7.33 -29.51
N GLU A 148 -38.43 8.12 -29.32
CA GLU A 148 -39.57 7.61 -28.59
C GLU A 148 -40.31 6.62 -29.51
N ALA A 149 -40.44 6.97 -30.76
CA ALA A 149 -41.14 6.13 -31.71
C ALA A 149 -40.40 4.75 -31.90
N ALA A 150 -39.07 4.77 -31.85
CA ALA A 150 -38.25 3.56 -32.01
C ALA A 150 -37.96 2.86 -30.66
N HIS A 151 -38.54 3.38 -29.58
CA HIS A 151 -38.36 2.81 -28.23
C HIS A 151 -36.87 2.63 -27.90
N VAL A 152 -36.09 3.66 -28.19
CA VAL A 152 -34.67 3.65 -27.91
C VAL A 152 -34.39 3.54 -26.38
N ALA A 153 -35.22 4.19 -25.53
CA ALA A 153 -35.00 4.15 -24.07
C ALA A 153 -35.16 2.75 -23.53
N GLU A 154 -36.17 2.02 -24.02
CA GLU A 154 -36.39 0.66 -23.55
C GLU A 154 -35.17 -0.25 -23.96
N GLN A 155 -34.60 -0.02 -25.14
CA GLN A 155 -33.43 -0.82 -25.62
C GLN A 155 -32.20 -0.54 -24.75
N LEU A 156 -31.93 0.73 -24.52
CA LEU A 156 -30.83 1.12 -23.67
C LEU A 156 -31.04 0.60 -22.25
N ARG A 157 -32.27 0.64 -21.76
CA ARG A 157 -32.53 0.17 -20.39
C ARG A 157 -32.17 -1.32 -20.29
N ALA A 158 -32.51 -2.11 -21.29
CA ALA A 158 -32.19 -3.52 -21.29
C ALA A 158 -30.64 -3.71 -21.33
N TYR A 159 -29.96 -2.93 -22.16
CA TYR A 159 -28.51 -3.03 -22.24
C TYR A 159 -27.82 -2.61 -20.88
N LEU A 160 -28.20 -1.45 -20.38
CA LEU A 160 -27.60 -0.89 -19.14
C LEU A 160 -27.88 -1.70 -17.88
N GLU A 161 -29.07 -2.27 -17.81
CA GLU A 161 -29.51 -2.98 -16.65
C GLU A 161 -29.15 -4.51 -16.77
N GLY A 162 -28.79 -4.94 -17.98
CA GLY A 162 -28.43 -6.35 -18.22
C GLY A 162 -26.99 -6.54 -18.69
N THR A 163 -26.82 -6.55 -20.02
CA THR A 163 -25.50 -6.74 -20.67
C THR A 163 -24.36 -5.94 -19.97
N CYS A 164 -24.55 -4.63 -19.83
CA CYS A 164 -23.53 -3.73 -19.22
C CYS A 164 -23.03 -4.25 -17.84
N VAL A 165 -23.96 -4.48 -16.92
N VAL A 165 -23.96 -4.55 -16.95
CA VAL A 165 -23.61 -4.94 -15.57
CA VAL A 165 -23.64 -5.04 -15.65
C VAL A 165 -23.02 -6.36 -15.56
C VAL A 165 -22.90 -6.39 -15.69
N GLU A 166 -23.45 -7.21 -16.48
N GLU A 166 -23.42 -7.36 -16.44
CA GLU A 166 -22.95 -8.60 -16.55
CA GLU A 166 -22.83 -8.71 -16.44
C GLU A 166 -21.48 -8.63 -17.02
C GLU A 166 -21.42 -8.67 -17.01
N TRP A 167 -21.17 -7.78 -17.99
CA TRP A 167 -19.81 -7.68 -18.56
C TRP A 167 -18.87 -6.94 -17.61
N LEU A 168 -19.38 -5.91 -16.94
CA LEU A 168 -18.59 -5.20 -15.95
C LEU A 168 -18.18 -6.21 -14.82
N ARG A 169 -19.12 -7.01 -14.34
CA ARG A 169 -18.81 -8.04 -13.29
C ARG A 169 -17.73 -8.98 -13.78
N ARG A 170 -17.83 -9.35 -15.04
CA ARG A 170 -16.86 -10.25 -15.68
C ARG A 170 -15.46 -9.63 -15.74
N TYR A 171 -15.37 -8.37 -16.13
CA TYR A 171 -14.10 -7.66 -16.21
C TYR A 171 -13.51 -7.47 -14.80
N LEU A 172 -14.36 -7.15 -13.83
CA LEU A 172 -13.93 -6.96 -12.46
C LEU A 172 -13.29 -8.24 -11.91
N GLU A 173 -13.79 -9.39 -12.34
CA GLU A 173 -13.26 -10.68 -11.89
C GLU A 173 -11.96 -11.02 -12.65
N ASN A 174 -11.98 -10.87 -13.98
CA ASN A 174 -10.77 -11.14 -14.78
C ASN A 174 -9.58 -10.14 -14.48
N GLY A 175 -9.90 -8.92 -14.15
CA GLY A 175 -8.87 -7.90 -13.86
C GLY A 175 -8.76 -7.59 -12.38
N LYS A 176 -9.22 -8.52 -11.55
CA LYS A 176 -9.23 -8.35 -10.09
C LYS A 176 -7.91 -7.78 -9.52
N GLU A 177 -6.78 -8.32 -9.98
N GLU A 177 -6.78 -8.32 -9.96
CA GLU A 177 -5.47 -7.87 -9.53
CA GLU A 177 -5.47 -7.87 -9.48
C GLU A 177 -5.30 -6.37 -9.78
C GLU A 177 -5.29 -6.36 -9.78
N THR A 178 -5.81 -5.92 -10.92
CA THR A 178 -5.74 -4.49 -11.34
C THR A 178 -6.89 -3.65 -10.78
N LEU A 179 -8.10 -4.04 -11.14
CA LEU A 179 -9.34 -3.29 -10.82
C LEU A 179 -9.87 -3.25 -9.32
N GLN A 180 -9.66 -4.32 -8.55
CA GLN A 180 -10.16 -4.33 -7.18
C GLN A 180 -9.09 -3.91 -6.16
N ARG A 181 -8.13 -3.12 -6.61
CA ARG A 181 -7.06 -2.64 -5.77
C ARG A 181 -7.26 -1.16 -5.43
N THR A 182 -6.72 -0.76 -4.30
CA THR A 182 -6.77 0.59 -3.87
C THR A 182 -5.34 0.95 -3.49
N ASP A 183 -4.80 1.99 -4.10
CA ASP A 183 -3.44 2.43 -3.77
C ASP A 183 -3.55 3.75 -3.02
N ALA A 184 -3.16 3.75 -1.76
CA ALA A 184 -3.19 4.95 -0.95
C ALA A 184 -2.08 5.90 -1.42
N PRO A 185 -2.33 7.19 -1.34
CA PRO A 185 -1.34 8.16 -1.77
C PRO A 185 -0.04 8.17 -0.91
N LYS A 186 1.10 8.31 -1.57
CA LYS A 186 2.36 8.52 -0.93
C LYS A 186 2.42 10.02 -0.81
N THR A 187 2.66 10.52 0.36
CA THR A 187 2.62 11.97 0.53
C THR A 187 3.87 12.59 1.08
N HIS A 188 4.09 13.86 0.71
CA HIS A 188 5.18 14.66 1.26
C HIS A 188 4.92 16.14 1.05
N MET A 189 5.70 16.98 1.69
CA MET A 189 5.56 18.39 1.52
C MET A 189 6.86 19.01 1.11
N THR A 190 6.80 20.05 0.29
N THR A 190 6.81 20.04 0.28
CA THR A 190 7.97 20.75 -0.14
CA THR A 190 7.99 20.75 -0.14
C THR A 190 7.82 22.23 0.27
C THR A 190 7.82 22.24 0.22
N HIS A 191 8.93 22.94 0.29
CA HIS A 191 8.95 24.35 0.72
C HIS A 191 9.84 25.12 -0.17
N HIS A 192 9.41 26.30 -0.54
CA HIS A 192 10.23 27.18 -1.33
C HIS A 192 10.12 28.58 -0.81
N ALA A 193 11.25 29.21 -0.60
CA ALA A 193 11.30 30.58 -0.17
C ALA A 193 11.17 31.43 -1.41
N VAL A 194 10.19 32.33 -1.45
CA VAL A 194 10.00 33.21 -2.62
C VAL A 194 10.61 34.57 -2.36
N SER A 195 10.50 35.02 -1.11
CA SER A 195 10.98 36.30 -0.70
C SER A 195 11.30 36.29 0.75
N ASP A 196 11.90 37.36 1.25
CA ASP A 196 12.20 37.45 2.67
C ASP A 196 10.88 37.72 3.46
N HIS A 197 9.76 37.91 2.72
CA HIS A 197 8.43 38.13 3.34
C HIS A 197 7.40 36.96 3.13
N GLU A 198 7.61 36.11 2.12
CA GLU A 198 6.68 34.99 1.88
C GLU A 198 7.38 33.73 1.41
N ALA A 199 6.71 32.61 1.64
CA ALA A 199 7.22 31.30 1.24
C ALA A 199 6.04 30.42 0.75
N THR A 200 6.33 29.37 0.02
CA THR A 200 5.26 28.49 -0.44
C THR A 200 5.45 27.10 0.05
N LEU A 201 4.35 26.50 0.50
N LEU A 201 4.35 26.51 0.47
CA LEU A 201 4.34 25.11 0.92
CA LEU A 201 4.34 25.12 0.89
C LEU A 201 3.54 24.36 -0.09
C LEU A 201 3.54 24.36 -0.12
N ARG A 202 4.04 23.20 -0.51
CA ARG A 202 3.33 22.38 -1.50
C ARG A 202 3.16 20.96 -0.96
N CYS A 203 1.92 20.54 -0.88
CA CYS A 203 1.54 19.26 -0.37
C CYS A 203 1.27 18.37 -1.52
N TRP A 204 1.93 17.22 -1.53
CA TRP A 204 1.87 16.26 -2.61
C TRP A 204 1.20 14.95 -2.27
N ALA A 205 0.42 14.43 -3.25
CA ALA A 205 -0.19 13.08 -3.18
C ALA A 205 0.23 12.39 -4.48
N LEU A 206 0.90 11.24 -4.35
CA LEU A 206 1.38 10.53 -5.49
C LEU A 206 1.04 9.07 -5.46
N SER A 207 1.06 8.47 -6.65
CA SER A 207 0.85 7.03 -6.89
C SER A 207 -0.41 6.47 -6.29
N PHE A 208 -1.51 7.20 -6.41
CA PHE A 208 -2.76 6.74 -5.81
C PHE A 208 -3.76 6.30 -6.87
N TYR A 209 -4.67 5.42 -6.45
CA TYR A 209 -5.73 4.86 -7.30
C TYR A 209 -6.85 4.45 -6.36
N PRO A 210 -8.13 4.81 -6.67
CA PRO A 210 -8.63 5.51 -7.82
C PRO A 210 -8.26 6.97 -7.79
N ALA A 211 -8.72 7.71 -8.79
CA ALA A 211 -8.34 9.09 -8.95
C ALA A 211 -8.95 10.08 -7.95
N GLU A 212 -10.16 9.76 -7.44
N GLU A 212 -10.14 9.78 -7.45
CA GLU A 212 -10.85 10.63 -6.46
CA GLU A 212 -10.84 10.67 -6.51
C GLU A 212 -10.01 10.85 -5.21
C GLU A 212 -10.00 10.86 -5.23
N ILE A 213 -9.82 12.11 -4.83
CA ILE A 213 -9.04 12.44 -3.68
C ILE A 213 -9.34 13.85 -3.27
N THR A 214 -9.10 14.18 -2.00
CA THR A 214 -9.32 15.56 -1.50
C THR A 214 -8.08 16.06 -0.71
N LEU A 215 -7.59 17.23 -1.12
CA LEU A 215 -6.45 17.92 -0.46
C LEU A 215 -6.90 19.29 0.00
N THR A 216 -6.76 19.55 1.29
CA THR A 216 -7.16 20.81 1.86
C THR A 216 -6.08 21.37 2.81
N TRP A 217 -6.02 22.69 2.91
CA TRP A 217 -5.07 23.37 3.81
C TRP A 217 -5.78 24.04 4.94
N GLN A 218 -5.17 24.00 6.12
CA GLN A 218 -5.67 24.70 7.27
C GLN A 218 -4.58 25.58 7.85
N ARG A 219 -4.99 26.71 8.43
CA ARG A 219 -4.09 27.62 9.14
C ARG A 219 -4.61 27.66 10.57
N ASP A 220 -3.80 27.19 11.52
CA ASP A 220 -4.22 27.09 12.94
C ASP A 220 -5.53 26.32 13.05
N GLY A 221 -5.63 25.22 12.31
CA GLY A 221 -6.86 24.35 12.35
C GLY A 221 -8.11 24.88 11.60
N GLU A 222 -7.98 26.00 10.86
CA GLU A 222 -9.11 26.60 10.12
C GLU A 222 -8.93 26.41 8.62
N ASP A 223 -9.97 25.92 7.95
CA ASP A 223 -9.90 25.71 6.48
C ASP A 223 -9.48 27.00 5.82
N GLN A 224 -8.60 26.90 4.83
CA GLN A 224 -8.15 28.07 4.12
C GLN A 224 -8.09 27.84 2.62
N THR A 225 -8.73 28.74 1.89
CA THR A 225 -8.73 28.68 0.43
C THR A 225 -7.97 29.89 -0.15
N GLN A 226 -7.99 31.02 0.57
CA GLN A 226 -7.29 32.21 0.13
C GLN A 226 -5.80 31.89 -0.01
N ASP A 227 -5.18 32.44 -1.05
CA ASP A 227 -3.74 32.26 -1.28
C ASP A 227 -3.31 30.79 -1.51
N THR A 228 -4.27 29.96 -1.88
CA THR A 228 -4.02 28.56 -2.16
C THR A 228 -4.08 28.26 -3.67
N GLU A 229 -3.43 27.19 -4.10
CA GLU A 229 -3.46 26.76 -5.51
C GLU A 229 -3.61 25.24 -5.54
N LEU A 230 -4.57 24.74 -6.30
CA LEU A 230 -4.83 23.30 -6.37
C LEU A 230 -4.84 22.92 -7.85
N VAL A 231 -4.03 21.95 -8.21
N VAL A 231 -4.01 21.94 -8.23
CA VAL A 231 -3.98 21.52 -9.57
CA VAL A 231 -3.99 21.51 -9.62
C VAL A 231 -4.90 20.32 -9.79
C VAL A 231 -4.94 20.36 -9.81
N GLU A 232 -5.35 20.17 -11.03
CA GLU A 232 -6.23 19.07 -11.39
C GLU A 232 -5.49 17.79 -11.20
N THR A 233 -6.21 16.77 -10.75
CA THR A 233 -5.66 15.46 -10.57
C THR A 233 -5.19 14.99 -11.97
N ARG A 234 -4.01 14.41 -12.03
CA ARG A 234 -3.38 14.08 -13.28
C ARG A 234 -2.85 12.67 -13.30
N PRO A 235 -2.85 12.05 -14.50
CA PRO A 235 -2.37 10.71 -14.57
C PRO A 235 -0.83 10.63 -14.60
N ALA A 236 -0.27 9.68 -13.89
CA ALA A 236 1.21 9.49 -13.88
C ALA A 236 1.67 8.87 -15.14
N GLY A 237 0.82 8.05 -15.73
CA GLY A 237 1.12 7.33 -16.97
C GLY A 237 1.24 5.83 -16.72
N ASP A 238 1.33 5.43 -15.45
CA ASP A 238 1.54 4.00 -15.09
C ASP A 238 0.31 3.41 -14.42
N GLY A 239 -0.82 4.06 -14.58
CA GLY A 239 -2.08 3.55 -13.98
C GLY A 239 -2.50 4.27 -12.68
N THR A 240 -1.60 5.09 -12.12
CA THR A 240 -1.89 5.84 -10.87
C THR A 240 -2.06 7.32 -11.18
N PHE A 241 -2.43 8.09 -10.15
CA PHE A 241 -2.66 9.51 -10.29
C PHE A 241 -1.82 10.33 -9.32
N GLN A 242 -1.77 11.61 -9.60
CA GLN A 242 -1.02 12.56 -8.82
C GLN A 242 -1.82 13.84 -8.60
N LYS A 243 -1.51 14.55 -7.54
CA LYS A 243 -2.12 15.83 -7.29
C LYS A 243 -1.33 16.59 -6.25
N TRP A 244 -1.37 17.91 -6.34
CA TRP A 244 -0.80 18.75 -5.29
C TRP A 244 -1.63 19.98 -5.02
N ALA A 245 -1.40 20.55 -3.85
CA ALA A 245 -2.04 21.74 -3.40
C ALA A 245 -0.95 22.61 -2.71
N ALA A 246 -1.01 23.92 -2.90
CA ALA A 246 -0.01 24.80 -2.34
C ALA A 246 -0.61 25.98 -1.72
N VAL A 247 0.13 26.60 -0.82
CA VAL A 247 -0.30 27.81 -0.12
C VAL A 247 0.89 28.71 0.06
N VAL A 248 0.66 30.04 -0.08
CA VAL A 248 1.71 31.07 0.12
C VAL A 248 1.51 31.57 1.50
N VAL A 249 2.54 31.48 2.33
CA VAL A 249 2.43 31.84 3.72
C VAL A 249 3.44 32.90 4.11
N PRO A 250 3.14 33.66 5.19
CA PRO A 250 4.08 34.65 5.66
C PRO A 250 5.35 33.95 6.15
N SER A 251 6.49 34.52 5.86
CA SER A 251 7.77 33.91 6.24
C SER A 251 7.84 33.65 7.75
N GLY A 252 8.25 32.44 8.12
CA GLY A 252 8.36 32.04 9.51
C GLY A 252 7.07 31.46 10.12
N GLN A 253 5.96 31.47 9.38
CA GLN A 253 4.68 30.94 9.91
C GLN A 253 4.32 29.57 9.30
N GLU A 254 5.29 28.93 8.68
CA GLU A 254 5.07 27.66 8.02
C GLU A 254 4.36 26.59 8.90
N GLN A 255 4.77 26.50 10.13
CA GLN A 255 4.27 25.48 11.01
C GLN A 255 2.83 25.71 11.47
N ARG A 256 2.24 26.86 11.11
CA ARG A 256 0.88 27.12 11.46
C ARG A 256 -0.05 26.41 10.48
N TYR A 257 0.52 25.93 9.36
CA TYR A 257 -0.28 25.30 8.28
C TYR A 257 -0.19 23.81 8.27
N THR A 258 -1.32 23.18 7.93
CA THR A 258 -1.38 21.74 7.80
C THR A 258 -2.16 21.35 6.55
N CYS A 259 -1.69 20.32 5.86
CA CYS A 259 -2.33 19.82 4.69
C CYS A 259 -3.06 18.55 5.08
N HIS A 260 -4.29 18.40 4.59
CA HIS A 260 -5.13 17.22 4.94
C HIS A 260 -5.45 16.43 3.67
N VAL A 261 -5.28 15.11 3.74
N VAL A 261 -5.22 15.13 3.72
CA VAL A 261 -5.47 14.26 2.58
CA VAL A 261 -5.40 14.27 2.59
C VAL A 261 -6.48 13.12 2.82
C VAL A 261 -6.46 13.23 2.87
N GLN A 262 -7.59 13.15 2.08
N GLN A 262 -7.44 13.12 1.98
CA GLN A 262 -8.60 12.08 2.13
CA GLN A 262 -8.51 12.14 2.12
C GLN A 262 -8.59 11.27 0.85
C GLN A 262 -8.58 11.28 0.84
N HIS A 263 -8.64 9.96 1.01
CA HIS A 263 -8.66 9.05 -0.10
C HIS A 263 -9.24 7.73 0.36
N GLU A 264 -9.84 7.00 -0.56
CA GLU A 264 -10.47 5.70 -0.25
C GLU A 264 -9.47 4.73 0.39
N GLY A 265 -8.21 4.82 -0.03
CA GLY A 265 -7.17 3.96 0.52
C GLY A 265 -6.69 4.36 1.94
N LEU A 266 -7.12 5.54 2.42
CA LEU A 266 -6.74 6.05 3.78
C LEU A 266 -7.82 5.85 4.88
N PRO A 267 -7.64 4.81 5.71
CA PRO A 267 -8.58 4.58 6.79
C PRO A 267 -8.89 5.87 7.54
N LYS A 268 -7.88 6.71 7.68
CA LYS A 268 -8.02 7.98 8.37
C LYS A 268 -7.41 9.06 7.53
N PRO A 269 -8.00 10.26 7.54
CA PRO A 269 -7.38 11.32 6.79
C PRO A 269 -5.99 11.61 7.35
N LEU A 270 -5.04 11.87 6.46
CA LEU A 270 -3.68 12.18 6.84
C LEU A 270 -3.50 13.64 7.06
N THR A 271 -2.66 13.98 8.03
CA THR A 271 -2.33 15.37 8.31
C THR A 271 -0.80 15.58 8.16
N LEU A 272 -0.39 16.52 7.31
N LEU A 272 -0.40 16.53 7.31
CA LEU A 272 1.05 16.84 7.14
CA LEU A 272 1.03 16.82 7.10
C LEU A 272 1.37 18.25 7.55
C LEU A 272 1.37 18.26 7.53
N ARG A 273 2.58 18.44 8.04
CA ARG A 273 3.04 19.75 8.49
C ARG A 273 4.49 19.85 8.10
N TRP A 274 4.91 21.03 7.66
CA TRP A 274 6.29 21.25 7.25
C TRP A 274 7.26 21.00 8.40
N GLU A 275 8.15 20.03 8.20
CA GLU A 275 9.15 19.66 9.19
C GLU A 275 10.54 19.58 8.47
N PRO A 276 11.36 20.63 8.63
CA PRO A 276 12.70 20.71 8.00
C PRO A 276 13.59 19.50 8.34
N MET B 1 -21.26 27.21 -30.80
CA MET B 1 -19.90 26.61 -30.85
C MET B 1 -19.18 26.96 -29.54
N ILE B 2 -18.88 25.97 -28.74
CA ILE B 2 -18.19 26.19 -27.51
C ILE B 2 -16.67 26.13 -27.72
N GLN B 3 -15.94 27.10 -27.18
CA GLN B 3 -14.49 27.07 -27.23
C GLN B 3 -13.95 27.18 -25.80
N ARG B 4 -13.12 26.21 -25.41
CA ARG B 4 -12.49 26.18 -24.10
C ARG B 4 -10.97 26.05 -24.30
N THR B 5 -10.19 26.89 -23.65
CA THR B 5 -8.75 26.84 -23.79
C THR B 5 -8.19 25.75 -22.89
N PRO B 6 -7.11 25.12 -23.29
CA PRO B 6 -6.63 24.01 -22.48
C PRO B 6 -5.82 24.37 -21.23
N LYS B 7 -5.97 23.56 -20.18
CA LYS B 7 -5.12 23.66 -19.05
C LYS B 7 -3.94 22.79 -19.42
N ILE B 8 -2.75 23.19 -19.00
CA ILE B 8 -1.56 22.45 -19.34
C ILE B 8 -0.73 22.19 -18.10
N GLN B 9 -0.37 20.93 -17.87
CA GLN B 9 0.56 20.59 -16.79
C GLN B 9 1.73 19.78 -17.37
N VAL B 10 2.93 20.12 -16.98
CA VAL B 10 4.14 19.43 -17.46
C VAL B 10 4.84 18.86 -16.20
N TYR B 11 5.06 17.55 -16.17
CA TYR B 11 5.60 16.92 -14.98
C TYR B 11 6.20 15.58 -15.27
N SER B 12 6.92 15.04 -14.31
CA SER B 12 7.51 13.69 -14.49
C SER B 12 6.66 12.59 -13.86
N ARG B 13 6.76 11.36 -14.41
CA ARG B 13 6.00 10.24 -13.88
C ARG B 13 6.44 9.92 -12.46
N HIS B 14 7.75 9.90 -12.23
CA HIS B 14 8.35 9.63 -10.91
C HIS B 14 9.12 10.88 -10.48
N PRO B 15 9.38 11.01 -9.18
CA PRO B 15 10.16 12.13 -8.65
C PRO B 15 11.49 12.18 -9.38
N ALA B 16 11.86 13.34 -9.93
CA ALA B 16 13.06 13.42 -10.71
C ALA B 16 14.34 13.22 -9.91
N GLU B 17 15.22 12.36 -10.45
CA GLU B 17 16.55 12.17 -9.92
C GLU B 17 17.45 12.31 -11.13
N ASN B 18 18.37 13.27 -11.06
CA ASN B 18 19.30 13.50 -12.16
C ASN B 18 20.08 12.24 -12.50
N GLY B 19 20.13 11.92 -13.78
CA GLY B 19 20.89 10.72 -14.28
C GLY B 19 20.06 9.45 -14.29
N LYS B 20 18.81 9.54 -13.84
CA LYS B 20 17.96 8.36 -13.78
C LYS B 20 16.81 8.48 -14.75
N SER B 21 16.63 7.41 -15.55
CA SER B 21 15.56 7.35 -16.55
C SER B 21 14.15 7.53 -15.90
N ASN B 22 13.25 8.19 -16.65
CA ASN B 22 11.92 8.59 -16.12
C ASN B 22 11.04 8.89 -17.37
N PHE B 23 9.83 9.40 -17.15
CA PHE B 23 8.97 9.82 -18.24
C PHE B 23 8.56 11.22 -17.99
N LEU B 24 8.61 12.04 -19.06
CA LEU B 24 8.18 13.43 -19.04
C LEU B 24 6.77 13.46 -19.64
N ASN B 25 5.85 14.05 -18.90
CA ASN B 25 4.43 14.11 -19.26
C ASN B 25 3.95 15.52 -19.52
N CYS B 26 3.09 15.67 -20.53
CA CYS B 26 2.40 16.89 -20.77
C CYS B 26 0.92 16.51 -20.81
N TYR B 27 0.18 16.97 -19.81
CA TYR B 27 -1.22 16.70 -19.69
C TYR B 27 -2.02 17.94 -20.05
N VAL B 28 -2.85 17.81 -21.11
CA VAL B 28 -3.70 18.88 -21.57
C VAL B 28 -5.14 18.49 -21.35
N SER B 29 -5.88 19.35 -20.74
CA SER B 29 -7.24 19.05 -20.39
C SER B 29 -8.14 20.25 -20.42
N GLY B 30 -9.44 19.99 -20.34
CA GLY B 30 -10.45 21.01 -20.29
C GLY B 30 -10.62 21.79 -21.55
N PHE B 31 -10.28 21.19 -22.72
CA PHE B 31 -10.35 21.94 -23.96
C PHE B 31 -11.43 21.48 -24.89
N HIS B 32 -11.78 22.37 -25.82
CA HIS B 32 -12.80 22.10 -26.83
C HIS B 32 -12.66 23.21 -27.87
N PRO B 33 -12.67 22.88 -29.17
CA PRO B 33 -12.79 21.56 -29.79
C PRO B 33 -11.54 20.71 -29.60
N SER B 34 -11.55 19.51 -30.19
CA SER B 34 -10.51 18.53 -29.94
C SER B 34 -9.21 18.71 -30.67
N ASP B 35 -9.18 19.45 -31.75
CA ASP B 35 -7.93 19.60 -32.47
C ASP B 35 -6.95 20.41 -31.62
N ILE B 36 -5.80 19.84 -31.40
CA ILE B 36 -4.80 20.45 -30.56
C ILE B 36 -3.41 19.97 -31.03
N GLU B 37 -2.42 20.80 -30.87
CA GLU B 37 -1.03 20.41 -31.22
C GLU B 37 -0.24 20.46 -29.95
N VAL B 38 0.44 19.36 -29.64
CA VAL B 38 1.21 19.28 -28.46
C VAL B 38 2.59 18.71 -28.80
N ASP B 39 3.63 19.38 -28.31
CA ASP B 39 5.03 18.96 -28.59
C ASP B 39 5.82 19.07 -27.34
N LEU B 40 6.68 18.11 -27.10
CA LEU B 40 7.56 18.17 -25.98
C LEU B 40 8.93 18.68 -26.52
N LEU B 41 9.56 19.60 -25.76
CA LEU B 41 10.76 20.21 -26.15
C LEU B 41 11.92 19.93 -25.15
N LYS B 42 13.12 19.75 -25.71
CA LYS B 42 14.37 19.62 -24.95
C LYS B 42 15.30 20.72 -25.44
N ASN B 43 15.60 21.65 -24.53
CA ASN B 43 16.44 22.78 -24.84
C ASN B 43 15.94 23.48 -26.09
N GLY B 44 14.63 23.66 -26.15
CA GLY B 44 14.02 24.37 -27.28
C GLY B 44 13.83 23.60 -28.60
N GLU B 45 14.16 22.29 -28.62
CA GLU B 45 14.02 21.45 -29.88
C GLU B 45 12.98 20.40 -29.66
N ARG B 46 12.07 20.19 -30.62
CA ARG B 46 11.05 19.20 -30.39
C ARG B 46 11.62 17.77 -30.29
N ILE B 47 11.05 17.02 -29.38
CA ILE B 47 11.39 15.63 -29.16
C ILE B 47 10.50 14.80 -30.10
N GLU B 48 11.07 13.91 -30.87
CA GLU B 48 10.29 13.11 -31.83
C GLU B 48 9.54 11.93 -31.22
N LYS B 49 10.21 11.18 -30.35
CA LYS B 49 9.64 9.96 -29.80
C LYS B 49 8.71 10.23 -28.64
N VAL B 50 7.56 10.75 -28.99
CA VAL B 50 6.52 11.09 -28.04
C VAL B 50 5.29 10.25 -28.32
N GLU B 51 4.66 9.75 -27.27
CA GLU B 51 3.43 8.99 -27.40
C GLU B 51 2.30 9.71 -26.75
N HIS B 52 1.07 9.32 -27.06
CA HIS B 52 -0.09 9.97 -26.43
C HIS B 52 -1.20 8.99 -26.16
N SER B 53 -2.06 9.37 -25.23
CA SER B 53 -3.19 8.58 -24.86
C SER B 53 -4.32 8.74 -25.87
N ASP B 54 -5.35 7.93 -25.73
CA ASP B 54 -6.52 7.99 -26.59
C ASP B 54 -7.46 9.06 -26.10
N LEU B 55 -7.87 9.93 -27.02
CA LEU B 55 -8.73 11.05 -26.68
C LEU B 55 -10.00 10.63 -25.92
N SER B 56 -10.24 11.29 -24.78
CA SER B 56 -11.43 11.07 -24.00
C SER B 56 -11.89 12.38 -23.46
N PHE B 57 -12.97 12.35 -22.68
CA PHE B 57 -13.51 13.60 -22.18
C PHE B 57 -14.11 13.47 -20.82
N SER B 58 -14.32 14.64 -20.20
CA SER B 58 -14.82 14.76 -18.83
C SER B 58 -16.28 14.95 -18.73
N LYS B 59 -16.79 15.03 -17.49
CA LYS B 59 -18.24 15.18 -17.29
C LYS B 59 -18.81 16.42 -18.01
N ASP B 60 -18.01 17.47 -18.19
CA ASP B 60 -18.50 18.70 -18.91
C ASP B 60 -18.27 18.67 -20.44
N TRP B 61 -17.87 17.49 -20.95
CA TRP B 61 -17.62 17.28 -22.40
C TRP B 61 -16.25 17.79 -22.92
N SER B 62 -15.45 18.41 -22.05
CA SER B 62 -14.17 18.89 -22.41
C SER B 62 -13.17 17.72 -22.53
N PHE B 63 -12.26 17.87 -23.43
CA PHE B 63 -11.31 16.85 -23.78
C PHE B 63 -10.07 16.86 -22.95
N TYR B 64 -9.44 15.69 -22.88
CA TYR B 64 -8.13 15.56 -22.24
C TYR B 64 -7.26 14.54 -22.95
N LEU B 65 -5.93 14.78 -22.88
CA LEU B 65 -4.91 13.92 -23.48
C LEU B 65 -3.63 14.00 -22.67
N LEU B 66 -2.92 12.89 -22.59
CA LEU B 66 -1.64 12.82 -22.00
C LEU B 66 -0.59 12.50 -23.09
N TYR B 67 0.41 13.33 -23.18
CA TYR B 67 1.55 13.12 -24.06
C TYR B 67 2.71 12.79 -23.19
N TYR B 68 3.56 11.82 -23.60
CA TYR B 68 4.69 11.43 -22.79
C TYR B 68 5.87 10.90 -23.57
N THR B 69 7.04 11.04 -22.97
CA THR B 69 8.27 10.57 -23.56
C THR B 69 9.23 10.08 -22.46
N GLU B 70 10.04 9.09 -22.79
CA GLU B 70 11.03 8.59 -21.88
C GLU B 70 12.21 9.58 -21.89
N PHE B 71 12.77 9.92 -20.72
CA PHE B 71 13.90 10.87 -20.67
C PHE B 71 14.66 10.73 -19.41
N THR B 72 15.85 11.27 -19.38
CA THR B 72 16.60 11.27 -18.11
C THR B 72 16.96 12.75 -17.78
N PRO B 73 16.42 13.22 -16.74
CA PRO B 73 16.66 14.56 -16.30
C PRO B 73 18.04 14.76 -15.84
N THR B 74 18.53 15.98 -16.04
CA THR B 74 19.82 16.41 -15.56
C THR B 74 19.59 17.78 -14.91
N GLU B 75 20.62 18.34 -14.33
CA GLU B 75 20.48 19.64 -13.67
C GLU B 75 20.39 20.80 -14.71
N LYS B 76 21.06 20.62 -15.83
CA LYS B 76 21.17 21.66 -16.89
C LYS B 76 20.17 21.67 -18.02
N ASP B 77 19.70 20.50 -18.42
CA ASP B 77 18.77 20.41 -19.49
C ASP B 77 17.37 20.97 -19.12
N GLU B 78 16.80 21.75 -20.05
CA GLU B 78 15.49 22.32 -19.88
C GLU B 78 14.48 21.62 -20.73
N TYR B 79 13.33 21.29 -20.13
CA TYR B 79 12.22 20.65 -20.84
C TYR B 79 10.98 21.53 -20.76
N ALA B 80 10.12 21.44 -21.78
CA ALA B 80 8.89 22.23 -21.82
C ALA B 80 7.86 21.53 -22.69
N CYS B 81 6.61 21.99 -22.61
CA CYS B 81 5.57 21.51 -23.48
C CYS B 81 5.05 22.70 -24.27
N ARG B 82 4.92 22.54 -25.61
CA ARG B 82 4.41 23.59 -26.44
C ARG B 82 3.00 23.17 -26.92
N VAL B 83 2.01 24.04 -26.73
CA VAL B 83 0.64 23.71 -27.09
C VAL B 83 0.03 24.77 -27.94
N ASN B 84 -0.64 24.35 -29.03
CA ASN B 84 -1.38 25.27 -29.87
C ASN B 84 -2.81 24.74 -30.01
N HIS B 85 -3.76 25.67 -30.06
CA HIS B 85 -5.19 25.37 -30.08
C HIS B 85 -5.86 26.59 -30.64
N VAL B 86 -7.09 26.44 -31.17
CA VAL B 86 -7.77 27.56 -31.79
C VAL B 86 -8.01 28.78 -30.83
N THR B 87 -8.10 28.53 -29.53
CA THR B 87 -8.32 29.60 -28.51
C THR B 87 -7.06 30.41 -28.17
N LEU B 88 -5.90 29.96 -28.66
CA LEU B 88 -4.63 30.63 -28.38
C LEU B 88 -4.16 31.47 -29.55
N SER B 89 -4.04 32.78 -29.31
CA SER B 89 -3.60 33.72 -30.35
C SER B 89 -2.11 33.52 -30.58
N GLN B 90 -1.50 32.68 -29.76
CA GLN B 90 -0.11 32.38 -29.84
C GLN B 90 0.16 31.10 -29.03
N PRO B 91 1.02 30.18 -29.57
CA PRO B 91 1.37 28.93 -28.90
C PRO B 91 1.85 29.16 -27.49
N LYS B 92 1.42 28.31 -26.59
N LYS B 92 1.42 28.33 -26.57
CA LYS B 92 1.81 28.39 -25.20
CA LYS B 92 1.79 28.49 -25.21
C LYS B 92 2.92 27.43 -24.89
C LYS B 92 2.88 27.44 -24.84
N ILE B 93 3.95 27.91 -24.23
CA ILE B 93 5.06 27.07 -23.85
C ILE B 93 5.14 27.06 -22.34
N VAL B 94 5.06 25.90 -21.77
CA VAL B 94 5.12 25.72 -20.31
C VAL B 94 6.37 24.93 -19.97
N LYS B 95 7.27 25.54 -19.18
CA LYS B 95 8.53 24.88 -18.81
C LYS B 95 8.31 23.90 -17.72
N TRP B 96 9.03 22.79 -17.78
CA TRP B 96 8.99 21.80 -16.71
C TRP B 96 9.69 22.28 -15.44
N ASP B 97 8.94 22.23 -14.29
CA ASP B 97 9.48 22.50 -12.95
C ASP B 97 9.39 21.17 -12.24
N ARG B 98 10.53 20.62 -11.80
N ARG B 98 10.52 20.66 -11.81
CA ARG B 98 10.53 19.28 -11.15
CA ARG B 98 10.61 19.36 -11.17
C ARG B 98 9.80 19.22 -9.81
C ARG B 98 9.72 19.24 -9.91
N ASP B 99 9.39 20.39 -9.29
CA ASP B 99 8.55 20.38 -8.11
C ASP B 99 7.13 20.87 -8.39
N MET B 100 6.66 20.67 -9.61
CA MET B 100 5.26 21.03 -9.96
C MET B 100 4.57 19.96 -10.82
N GLU C 1 -18.45 -4.81 -22.84
CA GLU C 1 -18.91 -4.89 -24.26
C GLU C 1 -19.78 -3.73 -24.65
N LEU C 2 -19.70 -3.37 -25.92
CA LEU C 2 -20.49 -2.29 -26.48
C LEU C 2 -21.96 -2.67 -26.58
N ALA C 3 -22.83 -1.67 -26.67
CA ALA C 3 -24.23 -1.90 -26.86
C ALA C 3 -24.49 -2.35 -28.31
N ALA C 4 -25.39 -3.30 -28.47
CA ALA C 4 -25.78 -3.82 -29.77
C ALA C 4 -27.22 -3.33 -30.10
N ILE C 5 -27.83 -2.62 -29.13
CA ILE C 5 -29.14 -2.08 -29.30
C ILE C 5 -29.17 -0.68 -28.66
N GLY C 6 -30.15 0.12 -29.06
CA GLY C 6 -30.33 1.41 -28.51
C GLY C 6 -29.44 2.49 -29.08
N ILE C 7 -28.66 2.16 -30.12
CA ILE C 7 -27.77 3.15 -30.78
C ILE C 7 -28.34 3.41 -32.17
N LEU C 8 -29.01 4.55 -32.31
CA LEU C 8 -29.69 4.89 -33.50
C LEU C 8 -29.29 6.33 -33.91
N THR C 9 -29.37 6.63 -35.19
CA THR C 9 -29.04 7.99 -35.66
C THR C 9 -30.05 9.04 -35.10
N VAL C 10 -29.57 10.25 -34.90
CA VAL C 10 -30.39 11.39 -34.36
C VAL C 10 -31.38 11.96 -35.38
N GLY D 1 -3.09 -12.06 1.81
CA GLY D 1 -2.07 -13.06 2.18
C GLY D 1 -2.57 -13.92 3.33
N SER D 2 -1.71 -14.80 3.83
N SER D 2 -1.70 -14.79 3.84
CA SER D 2 -2.06 -15.68 4.92
CA SER D 2 -2.05 -15.68 4.94
C SER D 2 -1.99 -14.92 6.25
C SER D 2 -2.00 -14.91 6.25
N HIS D 3 -2.64 -15.47 7.28
CA HIS D 3 -2.66 -14.84 8.60
C HIS D 3 -2.56 -15.91 9.67
N SER D 4 -2.40 -15.49 10.92
CA SER D 4 -2.31 -16.43 12.00
C SER D 4 -2.64 -15.83 13.32
N MET D 5 -2.99 -16.70 14.27
CA MET D 5 -3.24 -16.31 15.63
C MET D 5 -2.44 -17.25 16.44
N ARG D 6 -1.65 -16.71 17.36
CA ARG D 6 -0.81 -17.52 18.19
C ARG D 6 -0.79 -17.01 19.62
N TYR D 7 -0.78 -17.95 20.56
CA TYR D 7 -0.70 -17.63 21.92
C TYR D 7 0.61 -18.26 22.49
N PHE D 8 1.35 -17.45 23.24
CA PHE D 8 2.61 -17.83 23.83
C PHE D 8 2.56 -17.75 25.33
N PHE D 9 2.97 -18.83 25.99
CA PHE D 9 2.94 -18.88 27.45
C PHE D 9 4.28 -19.29 28.00
N THR D 10 4.74 -18.56 29.03
CA THR D 10 6.01 -18.86 29.68
C THR D 10 5.80 -18.81 31.19
N SER D 11 6.25 -19.86 31.87
CA SER D 11 6.18 -19.96 33.31
C SER D 11 7.55 -20.29 33.87
N VAL D 12 8.00 -19.51 34.84
CA VAL D 12 9.32 -19.67 35.43
C VAL D 12 9.23 -19.80 36.96
N SER D 13 9.70 -20.91 37.50
CA SER D 13 9.70 -21.10 38.95
C SER D 13 10.77 -20.25 39.63
N ARG D 14 10.50 -19.85 40.86
CA ARG D 14 11.46 -19.13 41.64
C ARG D 14 11.53 -19.81 43.01
N PRO D 15 12.40 -20.78 43.14
CA PRO D 15 12.54 -21.52 44.38
C PRO D 15 12.84 -20.59 45.56
N GLY D 16 12.10 -20.76 46.65
CA GLY D 16 12.30 -19.92 47.84
C GLY D 16 11.78 -18.48 47.67
N ARG D 17 11.12 -18.23 46.53
CA ARG D 17 10.55 -16.90 46.22
C ARG D 17 9.04 -16.99 45.86
N GLY D 18 8.37 -18.07 46.29
CA GLY D 18 6.92 -18.23 46.05
C GLY D 18 6.47 -18.62 44.64
N GLU D 19 5.32 -18.07 44.22
CA GLU D 19 4.71 -18.40 42.93
C GLU D 19 5.57 -18.08 41.73
N PRO D 20 5.46 -18.91 40.71
CA PRO D 20 6.23 -18.74 39.49
C PRO D 20 5.80 -17.54 38.71
N ARG D 21 6.73 -17.00 37.94
CA ARG D 21 6.45 -15.91 37.11
C ARG D 21 5.70 -16.45 35.92
N PHE D 22 4.61 -15.78 35.53
CA PHE D 22 3.81 -16.23 34.38
C PHE D 22 3.56 -15.10 33.45
N ILE D 23 3.88 -15.31 32.18
CA ILE D 23 3.65 -14.29 31.09
C ILE D 23 2.97 -14.98 29.91
N ALA D 24 1.84 -14.42 29.49
CA ALA D 24 1.10 -14.91 28.33
C ALA D 24 0.91 -13.76 27.35
N VAL D 25 1.08 -14.02 26.06
CA VAL D 25 0.88 -12.99 25.06
C VAL D 25 0.20 -13.61 23.89
N GLY D 26 -0.74 -12.88 23.30
CA GLY D 26 -1.44 -13.33 22.12
C GLY D 26 -1.06 -12.48 20.94
N TYR D 27 -0.88 -13.12 19.78
CA TYR D 27 -0.54 -12.42 18.53
C TYR D 27 -1.52 -12.69 17.43
N VAL D 28 -1.83 -11.66 16.66
CA VAL D 28 -2.52 -11.81 15.39
C VAL D 28 -1.40 -11.35 14.40
N ASP D 29 -0.99 -12.24 13.48
CA ASP D 29 0.16 -11.98 12.62
C ASP D 29 1.38 -11.62 13.56
N ASP D 30 1.95 -10.44 13.42
CA ASP D 30 3.08 -10.06 14.25
C ASP D 30 2.70 -8.98 15.26
N THR D 31 1.42 -8.85 15.53
CA THR D 31 0.92 -7.81 16.41
C THR D 31 0.49 -8.35 17.78
N GLN D 32 1.22 -8.00 18.83
CA GLN D 32 0.82 -8.42 20.19
C GLN D 32 -0.51 -7.72 20.46
N PHE D 33 -1.56 -8.47 20.81
CA PHE D 33 -2.91 -7.83 21.04
C PHE D 33 -3.47 -8.00 22.46
N VAL D 34 -3.00 -9.02 23.17
CA VAL D 34 -3.40 -9.23 24.59
C VAL D 34 -2.23 -9.75 25.37
N ARG D 35 -2.22 -9.49 26.66
CA ARG D 35 -1.17 -10.00 27.49
C ARG D 35 -1.60 -10.15 28.95
N PHE D 36 -0.87 -10.99 29.64
CA PHE D 36 -1.05 -11.20 31.08
C PHE D 36 0.33 -11.40 31.66
N ASP D 37 0.64 -10.69 32.73
CA ASP D 37 1.91 -10.87 33.41
C ASP D 37 1.62 -10.89 34.91
N SER D 38 1.87 -12.04 35.52
CA SER D 38 1.61 -12.26 36.96
C SER D 38 2.23 -11.19 37.87
N ASP D 39 3.24 -10.51 37.38
CA ASP D 39 3.88 -9.48 38.20
C ASP D 39 3.30 -8.05 37.99
N ALA D 40 2.42 -7.89 37.01
CA ALA D 40 1.76 -6.57 36.75
C ALA D 40 0.68 -6.32 37.83
N ALA D 41 0.32 -5.05 38.01
CA ALA D 41 -0.67 -4.67 39.06
C ALA D 41 -2.12 -5.12 38.77
N SER D 42 -2.54 -5.08 37.51
CA SER D 42 -3.95 -5.40 37.15
C SER D 42 -4.38 -6.80 37.53
N GLN D 43 -3.48 -7.78 37.34
CA GLN D 43 -3.82 -9.18 37.56
C GLN D 43 -5.00 -9.57 36.63
N ARG D 44 -5.01 -8.94 35.44
CA ARG D 44 -6.05 -9.13 34.45
C ARG D 44 -5.44 -9.31 33.08
N MET D 45 -6.17 -9.90 32.16
CA MET D 45 -5.74 -9.94 30.79
C MET D 45 -5.93 -8.50 30.35
N GLU D 46 -4.97 -7.95 29.62
CA GLU D 46 -5.01 -6.56 29.20
C GLU D 46 -4.89 -6.42 27.68
N PRO D 47 -5.50 -5.37 27.12
CA PRO D 47 -5.42 -5.14 25.68
C PRO D 47 -4.09 -4.50 25.26
N ARG D 48 -3.57 -4.87 24.09
CA ARG D 48 -2.31 -4.29 23.53
C ARG D 48 -2.46 -3.79 22.07
N ALA D 49 -3.68 -3.87 21.54
CA ALA D 49 -3.99 -3.35 20.18
C ALA D 49 -5.32 -2.63 20.24
N PRO D 50 -5.45 -1.49 19.52
CA PRO D 50 -6.69 -0.69 19.53
C PRO D 50 -7.96 -1.46 19.16
N TRP D 51 -7.86 -2.35 18.19
CA TRP D 51 -9.03 -3.11 17.71
C TRP D 51 -9.60 -4.17 18.70
N ILE D 52 -8.88 -4.47 19.77
CA ILE D 52 -9.36 -5.43 20.76
C ILE D 52 -10.01 -4.67 21.96
N GLU D 53 -9.73 -3.36 22.06
CA GLU D 53 -10.26 -2.55 23.18
C GLU D 53 -11.77 -2.52 23.19
N GLN D 54 -12.36 -2.71 22.01
CA GLN D 54 -13.83 -2.65 21.84
C GLN D 54 -14.60 -3.83 22.48
N GLU D 55 -13.91 -4.92 22.77
CA GLU D 55 -14.57 -6.09 23.39
C GLU D 55 -15.17 -5.70 24.75
N GLY D 56 -16.34 -6.25 25.08
CA GLY D 56 -17.02 -5.94 26.33
C GLY D 56 -16.45 -6.69 27.54
N PRO D 57 -16.99 -6.41 28.74
CA PRO D 57 -16.57 -7.04 30.03
C PRO D 57 -16.58 -8.56 29.99
N GLU D 58 -17.56 -9.14 29.28
N GLU D 58 -17.55 -9.13 29.29
CA GLU D 58 -17.66 -10.59 29.15
CA GLU D 58 -17.69 -10.59 29.16
C GLU D 58 -16.37 -11.17 28.61
C GLU D 58 -16.39 -11.17 28.60
N TYR D 59 -15.89 -10.57 27.52
CA TYR D 59 -14.68 -11.00 26.91
C TYR D 59 -13.49 -10.94 27.89
N TRP D 60 -13.29 -9.79 28.52
CA TRP D 60 -12.16 -9.60 29.44
C TRP D 60 -12.24 -10.48 30.68
N ASP D 61 -13.44 -10.66 31.22
CA ASP D 61 -13.61 -11.53 32.37
C ASP D 61 -13.33 -13.00 31.99
N GLY D 62 -13.75 -13.38 30.78
CA GLY D 62 -13.56 -14.74 30.29
C GLY D 62 -12.10 -15.06 30.01
N GLU D 63 -11.40 -14.12 29.39
CA GLU D 63 -9.99 -14.33 29.07
C GLU D 63 -9.15 -14.30 30.34
N THR D 64 -9.53 -13.45 31.26
CA THR D 64 -8.83 -13.39 32.51
C THR D 64 -8.96 -14.75 33.25
N ARG D 65 -10.19 -15.28 33.35
CA ARG D 65 -10.38 -16.61 33.99
C ARG D 65 -9.56 -17.70 33.29
N LYS D 66 -9.59 -17.72 31.96
CA LYS D 66 -8.85 -18.75 31.23
C LYS D 66 -7.34 -18.60 31.36
N VAL D 67 -6.81 -17.37 31.31
CA VAL D 67 -5.37 -17.20 31.37
C VAL D 67 -4.86 -17.59 32.78
N LYS D 68 -5.67 -17.32 33.80
CA LYS D 68 -5.33 -17.70 35.16
C LYS D 68 -5.35 -19.20 35.27
N ALA D 69 -6.33 -19.85 34.65
CA ALA D 69 -6.38 -21.30 34.64
C ALA D 69 -5.13 -21.87 33.95
N HIS D 70 -4.69 -21.28 32.80
CA HIS D 70 -3.41 -21.69 32.11
C HIS D 70 -2.25 -21.54 33.09
N SER D 71 -2.24 -20.45 33.81
CA SER D 71 -1.23 -20.17 34.79
C SER D 71 -1.21 -21.26 35.85
N GLN D 72 -2.39 -21.59 36.37
CA GLN D 72 -2.50 -22.63 37.39
C GLN D 72 -1.97 -23.99 36.87
N THR D 73 -2.30 -24.31 35.61
N THR D 73 -2.29 -24.30 35.61
CA THR D 73 -1.87 -25.59 35.01
CA THR D 73 -1.87 -25.52 34.97
C THR D 73 -0.33 -25.65 34.88
C THR D 73 -0.33 -25.63 34.90
N HIS D 74 0.29 -24.53 34.48
CA HIS D 74 1.77 -24.46 34.37
C HIS D 74 2.36 -24.52 35.76
N ARG D 75 1.65 -23.97 36.73
CA ARG D 75 2.14 -24.00 38.12
C ARG D 75 2.26 -25.46 38.60
N VAL D 76 1.24 -26.26 38.31
CA VAL D 76 1.25 -27.66 38.66
C VAL D 76 2.33 -28.39 37.83
N ASP D 77 2.41 -28.08 36.51
CA ASP D 77 3.40 -28.69 35.61
C ASP D 77 4.84 -28.52 36.11
N LEU D 78 5.18 -27.33 36.60
CA LEU D 78 6.53 -27.09 37.10
C LEU D 78 6.88 -28.06 38.25
N GLY D 79 5.92 -28.31 39.13
CA GLY D 79 6.12 -29.22 40.25
C GLY D 79 6.18 -30.67 39.81
N THR D 80 5.40 -31.02 38.79
CA THR D 80 5.38 -32.37 38.27
C THR D 80 6.69 -32.69 37.55
N LEU D 81 7.11 -31.79 36.66
CA LEU D 81 8.33 -31.96 35.87
C LEU D 81 9.59 -32.01 36.75
N ARG D 82 9.62 -31.20 37.80
CA ARG D 82 10.74 -31.22 38.75
C ARG D 82 10.83 -32.64 39.34
N GLY D 83 9.67 -33.20 39.66
CA GLY D 83 9.59 -34.51 40.22
C GLY D 83 10.04 -35.51 39.21
N TYR D 84 9.47 -35.43 38.00
CA TYR D 84 9.82 -36.37 36.95
C TYR D 84 11.32 -36.44 36.73
N TYR D 85 12.00 -35.30 36.82
CA TYR D 85 13.44 -35.26 36.59
C TYR D 85 14.30 -35.25 37.93
N ASN D 86 13.65 -35.48 39.08
CA ASN D 86 14.31 -35.45 40.45
C ASN D 86 15.27 -34.27 40.60
N GLN D 87 14.89 -33.13 40.05
CA GLN D 87 15.66 -31.93 40.14
C GLN D 87 15.44 -31.34 41.54
N SER D 88 16.43 -30.65 42.09
CA SER D 88 16.27 -30.10 43.46
C SER D 88 15.35 -28.88 43.47
N GLU D 89 14.84 -28.54 44.65
CA GLU D 89 13.96 -27.38 44.79
C GLU D 89 14.75 -26.07 44.69
N ALA D 90 16.07 -26.18 44.58
CA ALA D 90 16.96 -25.01 44.54
C ALA D 90 17.02 -24.30 43.17
N GLY D 91 16.83 -25.03 42.09
CA GLY D 91 16.93 -24.42 40.73
C GLY D 91 15.66 -23.84 40.16
N SER D 92 15.83 -22.85 39.28
CA SER D 92 14.75 -22.26 38.61
C SER D 92 14.55 -23.02 37.28
N HIS D 93 13.30 -23.28 36.92
CA HIS D 93 13.00 -23.98 35.67
C HIS D 93 11.91 -23.29 34.86
N THR D 94 11.85 -23.61 33.57
CA THR D 94 10.95 -22.96 32.64
C THR D 94 10.06 -23.88 31.84
N VAL D 95 8.79 -23.52 31.75
CA VAL D 95 7.85 -24.17 30.91
C VAL D 95 7.38 -23.17 29.84
N GLN D 96 7.30 -23.63 28.62
CA GLN D 96 6.84 -22.84 27.50
C GLN D 96 5.80 -23.61 26.72
N ARG D 97 4.71 -22.92 26.38
CA ARG D 97 3.66 -23.51 25.55
C ARG D 97 3.27 -22.51 24.45
N MET D 98 3.05 -23.01 23.26
CA MET D 98 2.58 -22.18 22.18
C MET D 98 1.51 -22.95 21.40
N TYR D 99 0.42 -22.29 21.07
CA TYR D 99 -0.57 -22.89 20.21
C TYR D 99 -1.22 -21.85 19.31
N GLY D 100 -1.82 -22.31 18.22
CA GLY D 100 -2.46 -21.37 17.31
C GLY D 100 -2.85 -21.98 16.01
N CYS D 101 -3.30 -21.13 15.09
CA CYS D 101 -3.76 -21.57 13.79
C CYS D 101 -3.42 -20.59 12.70
N ASP D 102 -3.23 -21.13 11.49
CA ASP D 102 -2.96 -20.36 10.30
C ASP D 102 -4.17 -20.43 9.38
N VAL D 103 -4.39 -19.37 8.61
CA VAL D 103 -5.44 -19.36 7.63
C VAL D 103 -4.88 -18.75 6.35
N GLY D 104 -5.50 -19.06 5.22
CA GLY D 104 -5.03 -18.55 3.93
C GLY D 104 -5.70 -17.25 3.52
N SER D 105 -5.59 -16.92 2.23
CA SER D 105 -6.18 -15.70 1.66
C SER D 105 -7.68 -15.72 1.79
N ASP D 106 -8.24 -16.93 1.72
CA ASP D 106 -9.68 -17.10 1.84
C ASP D 106 -10.12 -17.15 3.33
N TRP D 107 -9.15 -16.97 4.26
CA TRP D 107 -9.45 -16.97 5.73
C TRP D 107 -9.99 -18.34 6.22
N ARG D 108 -9.62 -19.40 5.49
CA ARG D 108 -9.99 -20.76 5.84
C ARG D 108 -8.81 -21.42 6.49
N PHE D 109 -9.10 -22.32 7.43
CA PHE D 109 -8.06 -23.06 8.14
C PHE D 109 -7.02 -23.69 7.22
N LEU D 110 -5.74 -23.56 7.59
CA LEU D 110 -4.61 -24.15 6.86
C LEU D 110 -3.94 -25.20 7.72
N ARG D 111 -3.65 -24.83 8.96
CA ARG D 111 -3.00 -25.76 9.86
C ARG D 111 -3.01 -25.25 11.26
N GLY D 112 -2.78 -26.17 12.19
CA GLY D 112 -2.76 -25.83 13.58
C GLY D 112 -1.57 -26.41 14.28
N TYR D 113 -1.32 -25.92 15.48
CA TYR D 113 -0.19 -26.37 16.24
C TYR D 113 -0.36 -26.15 17.72
N HIS D 114 0.29 -27.00 18.45
CA HIS D 114 0.33 -26.93 19.90
C HIS D 114 1.60 -27.58 20.34
N GLN D 115 2.53 -26.80 20.90
CA GLN D 115 3.81 -27.33 21.32
C GLN D 115 4.14 -26.96 22.75
N TYR D 116 4.91 -27.84 23.40
CA TYR D 116 5.27 -27.67 24.78
C TYR D 116 6.75 -27.93 24.97
N ALA D 117 7.41 -27.08 25.76
CA ALA D 117 8.83 -27.21 26.03
C ALA D 117 9.15 -27.08 27.51
N TYR D 118 10.22 -27.78 27.94
CA TYR D 118 10.69 -27.71 29.33
C TYR D 118 12.15 -27.39 29.30
N ASP D 119 12.53 -26.35 30.05
CA ASP D 119 13.93 -25.85 30.08
C ASP D 119 14.51 -25.62 28.69
N GLY D 120 13.68 -25.11 27.81
CA GLY D 120 14.08 -24.73 26.48
C GLY D 120 14.22 -25.85 25.47
N LYS D 121 13.85 -27.05 25.86
CA LYS D 121 13.91 -28.22 24.96
C LYS D 121 12.52 -28.82 24.73
N ASP D 122 12.30 -29.27 23.50
CA ASP D 122 11.05 -29.91 23.12
C ASP D 122 10.67 -30.97 24.13
N TYR D 123 9.40 -30.95 24.57
CA TYR D 123 8.88 -31.93 25.51
C TYR D 123 7.82 -32.84 24.81
N ILE D 124 6.71 -32.22 24.39
CA ILE D 124 5.65 -32.92 23.67
C ILE D 124 5.01 -31.94 22.64
N ALA D 125 4.64 -32.46 21.47
CA ALA D 125 4.03 -31.63 20.42
C ALA D 125 2.98 -32.41 19.62
N LEU D 126 1.92 -31.73 19.27
CA LEU D 126 0.86 -32.29 18.46
C LEU D 126 1.35 -32.30 17.01
N LYS D 127 1.15 -33.40 16.29
CA LYS D 127 1.59 -33.48 14.91
C LYS D 127 0.67 -32.68 13.98
N GLU D 128 1.10 -32.55 12.74
CA GLU D 128 0.36 -31.85 11.67
C GLU D 128 -1.10 -32.31 11.53
N ASP D 129 -1.35 -33.60 11.75
CA ASP D 129 -2.70 -34.19 11.59
C ASP D 129 -3.64 -33.86 12.77
N LEU D 130 -3.07 -33.32 13.83
CA LEU D 130 -3.82 -32.94 15.02
C LEU D 130 -4.54 -34.15 15.66
N ARG D 131 -3.99 -35.35 15.42
CA ARG D 131 -4.55 -36.58 16.00
C ARG D 131 -3.50 -37.34 16.81
N SER D 132 -2.22 -36.95 16.65
CA SER D 132 -1.13 -37.68 17.30
C SER D 132 -0.14 -36.78 18.02
N TRP D 133 0.68 -37.41 18.87
CA TRP D 133 1.68 -36.71 19.65
C TRP D 133 3.10 -37.21 19.39
N THR D 134 4.07 -36.33 19.60
CA THR D 134 5.53 -36.64 19.52
C THR D 134 6.12 -36.28 20.89
N ALA D 135 6.55 -37.30 21.63
CA ALA D 135 7.13 -37.14 22.98
C ALA D 135 8.66 -37.24 22.90
N ALA D 136 9.35 -36.25 23.47
CA ALA D 136 10.87 -36.19 23.40
C ALA D 136 11.61 -37.28 24.20
N ASP D 137 11.06 -37.69 25.33
CA ASP D 137 11.70 -38.68 26.19
C ASP D 137 10.66 -39.46 26.98
N MET D 138 11.12 -40.33 27.90
CA MET D 138 10.17 -41.16 28.71
C MET D 138 9.28 -40.37 29.67
N ALA D 139 9.67 -39.15 29.99
CA ALA D 139 8.86 -38.28 30.84
C ALA D 139 7.68 -37.80 30.03
N ALA D 140 7.97 -37.34 28.83
CA ALA D 140 6.93 -36.88 27.93
C ALA D 140 6.03 -38.05 27.57
N GLN D 141 6.59 -39.27 27.50
CA GLN D 141 5.79 -40.43 27.21
C GLN D 141 4.71 -40.62 28.28
N THR D 142 5.06 -40.34 29.54
CA THR D 142 4.09 -40.44 30.64
C THR D 142 2.94 -39.45 30.38
N THR D 143 3.30 -38.24 29.98
CA THR D 143 2.30 -37.20 29.67
C THR D 143 1.49 -37.62 28.44
N LYS D 144 2.17 -38.13 27.42
CA LYS D 144 1.52 -38.61 26.20
C LYS D 144 0.39 -39.61 26.49
N HIS D 145 0.66 -40.57 27.39
CA HIS D 145 -0.34 -41.59 27.72
C HIS D 145 -1.62 -40.98 28.36
N LYS D 146 -1.47 -40.04 29.31
CA LYS D 146 -2.67 -39.43 29.94
C LYS D 146 -3.41 -38.47 29.00
N TRP D 147 -2.68 -37.82 28.12
CA TRP D 147 -3.28 -36.93 27.16
C TRP D 147 -4.07 -37.73 26.08
N GLU D 148 -3.66 -38.98 25.85
CA GLU D 148 -4.37 -39.85 24.93
C GLU D 148 -5.65 -40.32 25.61
N ALA D 149 -5.53 -40.75 26.87
CA ALA D 149 -6.67 -41.24 27.65
C ALA D 149 -7.69 -40.13 27.97
N ALA D 150 -7.23 -38.88 27.99
CA ALA D 150 -8.11 -37.73 28.25
C ALA D 150 -8.55 -37.09 26.93
N HIS D 151 -8.14 -37.70 25.82
CA HIS D 151 -8.48 -37.24 24.46
C HIS D 151 -8.17 -35.77 24.23
N VAL D 152 -7.00 -35.34 24.69
CA VAL D 152 -6.56 -33.96 24.57
C VAL D 152 -6.38 -33.57 23.11
N ALA D 153 -5.88 -34.50 22.29
CA ALA D 153 -5.69 -34.23 20.87
C ALA D 153 -7.00 -33.83 20.19
N GLU D 154 -8.06 -34.59 20.44
CA GLU D 154 -9.37 -34.29 19.86
C GLU D 154 -9.91 -32.93 20.36
N GLN D 155 -9.62 -32.60 21.61
CA GLN D 155 -10.07 -31.30 22.16
C GLN D 155 -9.35 -30.15 21.48
N LEU D 156 -8.02 -30.28 21.31
CA LEU D 156 -7.24 -29.26 20.64
C LEU D 156 -7.65 -29.11 19.18
N ARG D 157 -7.92 -30.23 18.52
CA ARG D 157 -8.32 -30.18 17.14
C ARG D 157 -9.63 -29.39 17.01
N ALA D 158 -10.58 -29.64 17.91
CA ALA D 158 -11.84 -28.91 17.88
C ALA D 158 -11.61 -27.38 18.05
N TYR D 159 -10.70 -27.00 18.94
CA TYR D 159 -10.38 -25.59 19.15
C TYR D 159 -9.58 -24.99 17.96
N LEU D 160 -8.51 -25.64 17.60
CA LEU D 160 -7.65 -25.15 16.51
C LEU D 160 -8.36 -25.09 15.16
N GLU D 161 -9.30 -26.00 14.94
CA GLU D 161 -9.95 -26.10 13.67
C GLU D 161 -11.27 -25.30 13.65
N GLY D 162 -11.74 -24.91 14.83
CA GLY D 162 -12.98 -24.17 14.95
C GLY D 162 -12.84 -22.80 15.59
N THR D 163 -12.85 -22.76 16.92
CA THR D 163 -12.81 -21.51 17.68
C THR D 163 -11.65 -20.60 17.27
N CYS D 164 -10.47 -21.18 17.16
CA CYS D 164 -9.28 -20.42 16.81
C CYS D 164 -9.48 -19.59 15.52
N VAL D 165 -9.93 -20.24 14.44
CA VAL D 165 -10.14 -19.54 13.15
C VAL D 165 -11.32 -18.54 13.15
N GLU D 166 -12.39 -18.88 13.86
CA GLU D 166 -13.55 -18.01 13.91
C GLU D 166 -13.20 -16.68 14.61
N TRP D 167 -12.44 -16.74 15.70
CA TRP D 167 -12.05 -15.52 16.41
C TRP D 167 -10.96 -14.72 15.63
N LEU D 168 -10.06 -15.45 14.97
CA LEU D 168 -9.04 -14.79 14.15
C LEU D 168 -9.73 -13.93 13.10
N ARG D 169 -10.75 -14.51 12.43
CA ARG D 169 -11.52 -13.78 11.40
C ARG D 169 -12.12 -12.56 12.00
N ARG D 170 -12.69 -12.70 13.19
CA ARG D 170 -13.28 -11.59 13.87
C ARG D 170 -12.22 -10.50 14.10
N TYR D 171 -11.04 -10.90 14.61
CA TYR D 171 -9.98 -9.93 14.87
C TYR D 171 -9.51 -9.24 13.55
N LEU D 172 -9.39 -10.01 12.48
CA LEU D 172 -8.96 -9.47 11.18
C LEU D 172 -9.92 -8.38 10.69
N GLU D 173 -11.22 -8.68 10.70
CA GLU D 173 -12.21 -7.70 10.28
C GLU D 173 -12.09 -6.50 11.20
N ASN D 174 -12.16 -6.75 12.50
CA ASN D 174 -12.11 -5.69 13.50
C ASN D 174 -10.83 -4.79 13.42
N GLY D 175 -9.70 -5.40 13.08
CA GLY D 175 -8.44 -4.66 12.98
C GLY D 175 -8.01 -4.33 11.54
N LYS D 176 -8.88 -4.56 10.56
CA LYS D 176 -8.53 -4.35 9.14
C LYS D 176 -7.87 -2.98 8.82
N GLU D 177 -8.40 -1.89 9.37
CA GLU D 177 -7.85 -0.56 9.05
C GLU D 177 -6.61 -0.19 9.88
N THR D 178 -6.10 -1.14 10.66
CA THR D 178 -4.92 -0.91 11.50
C THR D 178 -3.87 -2.04 11.38
N LEU D 179 -4.32 -3.30 11.31
CA LEU D 179 -3.40 -4.44 11.17
C LEU D 179 -2.44 -4.21 10.01
N GLN D 180 -1.14 -4.36 10.30
CA GLN D 180 -0.09 -4.13 9.30
C GLN D 180 -0.33 -4.96 8.06
N ARG D 181 -0.26 -4.29 6.91
CA ARG D 181 -0.46 -4.92 5.60
C ARG D 181 0.87 -5.08 4.90
N THR D 182 0.88 -5.79 3.78
CA THR D 182 2.11 -5.97 3.02
C THR D 182 2.68 -4.59 2.60
N ASP D 183 3.94 -4.32 3.00
CA ASP D 183 4.64 -3.06 2.67
C ASP D 183 5.99 -3.37 2.11
N ALA D 184 6.28 -2.81 0.96
CA ALA D 184 7.56 -3.01 0.31
C ALA D 184 8.63 -2.24 1.05
N PRO D 185 9.86 -2.77 1.05
CA PRO D 185 10.94 -2.05 1.69
C PRO D 185 11.29 -0.76 1.00
N LYS D 186 11.64 0.26 1.78
CA LYS D 186 12.15 1.48 1.24
C LYS D 186 13.62 1.25 1.39
N THR D 187 14.35 1.43 0.31
CA THR D 187 15.77 1.11 0.33
C THR D 187 16.67 2.30 0.06
N HIS D 188 17.89 2.25 0.60
CA HIS D 188 18.92 3.28 0.32
C HIS D 188 20.25 2.72 0.66
N MET D 189 21.29 3.41 0.21
CA MET D 189 22.64 2.94 0.47
C MET D 189 23.46 3.99 1.07
N THR D 190 24.30 3.60 2.02
CA THR D 190 25.22 4.50 2.70
C THR D 190 26.66 4.09 2.41
N HIS D 191 27.56 5.03 2.61
CA HIS D 191 28.99 4.83 2.28
C HIS D 191 29.83 5.52 3.36
N HIS D 192 30.78 4.79 3.94
CA HIS D 192 31.67 5.37 4.96
C HIS D 192 33.09 4.92 4.76
N ALA D 193 34.02 5.84 4.86
CA ALA D 193 35.44 5.50 4.81
C ALA D 193 35.77 4.72 6.05
N VAL D 194 36.53 3.62 5.92
CA VAL D 194 36.96 2.86 7.11
C VAL D 194 38.50 2.92 7.32
N SER D 195 39.20 3.49 6.34
CA SER D 195 40.63 3.72 6.42
C SER D 195 40.94 4.67 5.29
N ASP D 196 42.23 4.94 5.01
CA ASP D 196 42.54 5.88 3.93
C ASP D 196 42.37 5.27 2.54
N HIS D 197 42.12 3.97 2.46
CA HIS D 197 41.97 3.34 1.15
C HIS D 197 40.84 2.32 1.07
N GLU D 198 39.95 2.30 2.06
CA GLU D 198 38.89 1.35 2.05
C GLU D 198 37.61 1.96 2.60
N ALA D 199 36.47 1.45 2.13
CA ALA D 199 35.18 1.99 2.53
C ALA D 199 34.16 0.93 2.74
N THR D 200 33.12 1.25 3.53
N THR D 200 33.12 1.25 3.55
CA THR D 200 32.01 0.36 3.75
CA THR D 200 32.00 0.34 3.76
C THR D 200 30.79 0.83 2.97
C THR D 200 30.80 0.82 2.96
N LEU D 201 30.15 -0.10 2.27
CA LEU D 201 28.92 0.19 1.57
C LEU D 201 27.88 -0.54 2.40
N ARG D 202 26.78 0.16 2.76
CA ARG D 202 25.73 -0.44 3.54
C ARG D 202 24.42 -0.27 2.84
N CYS D 203 23.76 -1.39 2.56
N CYS D 203 23.75 -1.38 2.48
CA CYS D 203 22.49 -1.43 1.88
CA CYS D 203 22.44 -1.30 1.82
C CYS D 203 21.38 -1.61 2.93
C CYS D 203 21.31 -1.63 2.81
N TRP D 204 20.40 -0.69 2.92
CA TRP D 204 19.28 -0.72 3.88
C TRP D 204 17.92 -1.06 3.29
N ALA D 205 17.15 -1.86 4.04
CA ALA D 205 15.77 -2.12 3.71
C ALA D 205 14.97 -1.70 4.94
N LEU D 206 14.08 -0.73 4.77
CA LEU D 206 13.33 -0.21 5.91
C LEU D 206 11.84 -0.28 5.70
N SER D 207 11.11 -0.18 6.82
CA SER D 207 9.64 -0.17 6.87
C SER D 207 8.93 -1.19 6.00
N PHE D 208 9.37 -2.44 6.07
CA PHE D 208 8.76 -3.50 5.27
C PHE D 208 8.00 -4.52 6.10
N TYR D 209 7.04 -5.18 5.46
CA TYR D 209 6.24 -6.23 6.11
C TYR D 209 5.71 -7.15 5.01
N PRO D 210 5.73 -8.47 5.23
CA PRO D 210 6.18 -9.24 6.38
C PRO D 210 7.70 -9.22 6.56
N ALA D 211 8.16 -9.90 7.59
CA ALA D 211 9.61 -9.90 7.97
C ALA D 211 10.56 -10.63 7.01
N GLU D 212 10.06 -11.57 6.26
CA GLU D 212 10.91 -12.30 5.34
C GLU D 212 11.44 -11.42 4.23
N ILE D 213 12.77 -11.37 4.14
CA ILE D 213 13.43 -10.58 3.14
C ILE D 213 14.76 -11.23 2.84
N THR D 214 15.31 -10.94 1.67
CA THR D 214 16.63 -11.45 1.33
C THR D 214 17.47 -10.32 0.79
N LEU D 215 18.63 -10.07 1.43
CA LEU D 215 19.60 -9.04 1.00
C LEU D 215 20.88 -9.71 0.67
N THR D 216 21.39 -9.44 -0.53
CA THR D 216 22.60 -10.06 -1.03
C THR D 216 23.48 -9.04 -1.75
N TRP D 217 24.81 -9.14 -1.55
CA TRP D 217 25.75 -8.32 -2.28
C TRP D 217 26.36 -9.12 -3.43
N GLN D 218 26.68 -8.42 -4.50
CA GLN D 218 27.34 -9.01 -5.63
C GLN D 218 28.50 -8.12 -6.04
N ARG D 219 29.58 -8.73 -6.47
CA ARG D 219 30.73 -8.02 -7.00
C ARG D 219 30.83 -8.47 -8.45
N ASP D 220 30.82 -7.51 -9.38
CA ASP D 220 30.84 -7.83 -10.83
C ASP D 220 29.74 -8.85 -11.22
N GLY D 221 28.61 -8.79 -10.53
CA GLY D 221 27.51 -9.65 -10.83
C GLY D 221 27.56 -11.06 -10.23
N GLU D 222 28.50 -11.30 -9.32
CA GLU D 222 28.61 -12.62 -8.68
C GLU D 222 28.51 -12.52 -7.17
N ASP D 223 27.68 -13.38 -6.59
CA ASP D 223 27.41 -13.40 -5.13
C ASP D 223 28.68 -13.23 -4.33
N GLN D 224 28.59 -12.39 -3.33
CA GLN D 224 29.70 -12.04 -2.52
C GLN D 224 29.35 -12.25 -1.05
N THR D 225 30.07 -13.15 -0.38
CA THR D 225 29.85 -13.38 1.04
C THR D 225 31.06 -12.89 1.90
N GLN D 226 32.25 -12.91 1.33
CA GLN D 226 33.44 -12.49 2.06
C GLN D 226 33.46 -10.95 2.29
N ASP D 227 33.99 -10.53 3.45
CA ASP D 227 34.07 -9.10 3.81
C ASP D 227 32.68 -8.45 3.86
N THR D 228 31.65 -9.29 4.11
CA THR D 228 30.27 -8.83 4.20
C THR D 228 29.72 -9.00 5.64
N GLU D 229 28.71 -8.22 5.96
CA GLU D 229 28.06 -8.33 7.27
C GLU D 229 26.58 -8.17 7.06
N LEU D 230 25.80 -9.01 7.74
CA LEU D 230 24.35 -8.99 7.61
C LEU D 230 23.74 -9.06 8.99
N VAL D 231 22.89 -8.11 9.32
N VAL D 231 22.90 -8.10 9.34
CA VAL D 231 22.26 -8.10 10.59
CA VAL D 231 22.26 -8.14 10.65
C VAL D 231 20.92 -8.85 10.57
C VAL D 231 20.95 -8.88 10.58
N GLU D 232 20.53 -9.42 11.71
CA GLU D 232 19.25 -10.11 11.82
C GLU D 232 18.17 -9.10 11.57
N THR D 233 17.09 -9.54 10.94
CA THR D 233 15.93 -8.71 10.69
C THR D 233 15.39 -8.30 12.05
N ARG D 234 14.99 -7.03 12.19
CA ARG D 234 14.58 -6.48 13.50
C ARG D 234 13.32 -5.60 13.42
N PRO D 235 12.56 -5.56 14.50
CA PRO D 235 11.33 -4.74 14.49
C PRO D 235 11.60 -3.29 14.68
N ALA D 236 10.99 -2.44 13.85
CA ALA D 236 11.15 -1.01 13.99
C ALA D 236 10.38 -0.54 15.22
N GLY D 237 9.33 -1.28 15.56
CA GLY D 237 8.48 -0.95 16.77
C GLY D 237 7.12 -0.35 16.38
N ASP D 238 6.92 -0.13 15.07
CA ASP D 238 5.65 0.41 14.55
C ASP D 238 4.86 -0.63 13.75
N GLY D 239 5.33 -1.85 13.73
CA GLY D 239 4.66 -2.91 12.99
C GLY D 239 5.46 -3.38 11.76
N THR D 240 6.47 -2.59 11.38
CA THR D 240 7.31 -2.93 10.26
C THR D 240 8.68 -3.41 10.72
N PHE D 241 9.51 -3.81 9.75
CA PHE D 241 10.80 -4.37 10.04
C PHE D 241 11.92 -3.66 9.31
N GLN D 242 13.15 -3.97 9.74
CA GLN D 242 14.41 -3.37 9.22
C GLN D 242 15.49 -4.39 9.06
N LYS D 243 16.43 -4.12 8.14
CA LYS D 243 17.58 -5.00 7.97
C LYS D 243 18.61 -4.28 7.16
N TRP D 244 19.85 -4.60 7.37
CA TRP D 244 20.89 -4.08 6.49
C TRP D 244 21.97 -5.11 6.22
N ALA D 245 22.68 -4.92 5.12
CA ALA D 245 23.79 -5.77 4.76
C ALA D 245 24.93 -4.82 4.30
N ALA D 246 26.16 -5.16 4.61
CA ALA D 246 27.31 -4.29 4.25
C ALA D 246 28.47 -5.05 3.77
N VAL D 247 29.31 -4.37 2.98
N VAL D 247 29.29 -4.39 2.98
CA VAL D 247 30.55 -4.93 2.47
CA VAL D 247 30.50 -4.99 2.46
C VAL D 247 31.64 -3.88 2.57
C VAL D 247 31.57 -3.93 2.51
N VAL D 248 32.87 -4.31 2.81
N VAL D 248 32.80 -4.35 2.76
CA VAL D 248 34.00 -3.40 2.85
CA VAL D 248 33.92 -3.45 2.80
C VAL D 248 34.75 -3.54 1.54
C VAL D 248 34.69 -3.57 1.49
N VAL D 249 34.97 -2.43 0.86
CA VAL D 249 35.62 -2.44 -0.45
C VAL D 249 36.81 -1.45 -0.63
N PRO D 250 37.69 -1.73 -1.62
CA PRO D 250 38.77 -0.76 -1.87
C PRO D 250 38.19 0.54 -2.45
N SER D 251 38.64 1.69 -1.93
N SER D 251 38.66 1.68 -1.95
CA SER D 251 38.19 2.97 -2.42
CA SER D 251 38.23 2.97 -2.45
C SER D 251 38.48 3.09 -3.91
C SER D 251 38.48 3.06 -3.92
N GLY D 252 37.45 3.45 -4.66
CA GLY D 252 37.54 3.58 -6.11
C GLY D 252 36.89 2.38 -6.85
N GLN D 253 36.55 1.32 -6.12
CA GLN D 253 35.94 0.12 -6.75
C GLN D 253 34.46 -0.06 -6.36
N GLU D 254 33.89 0.94 -5.72
CA GLU D 254 32.47 0.85 -5.25
C GLU D 254 31.47 0.48 -6.36
N GLN D 255 31.68 1.04 -7.55
CA GLN D 255 30.76 0.84 -8.62
C GLN D 255 30.62 -0.61 -9.11
N ARG D 256 31.52 -1.48 -8.67
CA ARG D 256 31.47 -2.91 -9.06
C ARG D 256 30.53 -3.69 -8.17
N TYR D 257 30.06 -3.04 -7.12
CA TYR D 257 29.21 -3.72 -6.12
C TYR D 257 27.75 -3.35 -6.22
N THR D 258 26.92 -4.36 -6.15
CA THR D 258 25.48 -4.15 -6.17
C THR D 258 24.81 -4.91 -5.05
N CYS D 259 23.74 -4.32 -4.50
CA CYS D 259 22.94 -4.96 -3.46
C CYS D 259 21.57 -5.36 -4.06
N HIS D 260 21.16 -6.59 -3.78
CA HIS D 260 19.93 -7.15 -4.31
C HIS D 260 18.92 -7.44 -3.19
N VAL D 261 17.70 -6.94 -3.38
CA VAL D 261 16.66 -7.05 -2.40
C VAL D 261 15.45 -7.84 -2.98
N GLN D 262 15.00 -8.85 -2.24
N GLN D 262 15.01 -8.85 -2.23
CA GLN D 262 13.83 -9.63 -2.66
CA GLN D 262 13.88 -9.67 -2.61
C GLN D 262 12.85 -9.63 -1.51
C GLN D 262 12.86 -9.59 -1.49
N HIS D 263 11.59 -9.30 -1.83
CA HIS D 263 10.54 -9.20 -0.84
C HIS D 263 9.24 -9.35 -1.53
N GLU D 264 8.29 -9.97 -0.87
CA GLU D 264 6.99 -10.25 -1.49
C GLU D 264 6.22 -8.99 -1.87
N GLY D 265 6.52 -7.88 -1.19
CA GLY D 265 5.86 -6.60 -1.49
C GLY D 265 6.40 -5.96 -2.81
N LEU D 266 7.53 -6.48 -3.32
CA LEU D 266 8.16 -5.99 -4.57
C LEU D 266 7.69 -6.76 -5.81
N PRO D 267 7.21 -6.02 -6.84
CA PRO D 267 6.79 -6.68 -8.07
C PRO D 267 7.98 -7.43 -8.71
N LYS D 268 9.18 -6.84 -8.56
CA LYS D 268 10.43 -7.44 -9.05
C LYS D 268 11.57 -7.10 -8.10
N PRO D 269 12.53 -8.04 -7.95
CA PRO D 269 13.71 -7.83 -7.11
C PRO D 269 14.46 -6.54 -7.47
N LEU D 270 15.00 -5.87 -6.47
N LEU D 270 15.01 -5.88 -6.46
CA LEU D 270 15.71 -4.61 -6.71
CA LEU D 270 15.75 -4.63 -6.66
C LEU D 270 17.23 -4.80 -6.76
C LEU D 270 17.24 -4.84 -6.79
N THR D 271 17.87 -3.99 -7.60
CA THR D 271 19.33 -3.98 -7.76
C THR D 271 19.80 -2.53 -7.40
N LEU D 272 20.56 -2.39 -6.35
CA LEU D 272 21.00 -1.08 -5.90
C LEU D 272 22.50 -0.91 -5.99
N ARG D 273 22.94 0.27 -6.38
CA ARG D 273 24.36 0.54 -6.43
C ARG D 273 24.55 1.95 -5.82
N TRP D 274 25.73 2.24 -5.28
CA TRP D 274 26.01 3.54 -4.70
C TRP D 274 26.06 4.61 -5.83
N GLU D 275 25.18 5.62 -5.72
CA GLU D 275 25.06 6.68 -6.75
C GLU D 275 25.10 8.11 -6.16
N PRO D 276 26.26 8.51 -5.62
CA PRO D 276 26.43 9.82 -4.95
C PRO D 276 26.56 11.06 -5.91
N MET E 1 19.30 -28.51 30.63
CA MET E 1 18.99 -27.08 30.89
C MET E 1 19.87 -26.23 29.96
N ILE E 2 19.28 -25.83 28.83
CA ILE E 2 19.97 -25.09 27.80
C ILE E 2 20.16 -23.56 28.04
N GLN E 3 21.41 -23.10 27.93
CA GLN E 3 21.74 -21.66 28.05
C GLN E 3 22.11 -21.13 26.65
N ARG E 4 21.54 -19.98 26.27
CA ARG E 4 21.82 -19.32 24.99
C ARG E 4 22.05 -17.87 25.30
N THR E 5 23.16 -17.31 24.83
CA THR E 5 23.45 -15.90 25.13
C THR E 5 22.71 -14.98 24.15
N PRO E 6 22.24 -13.83 24.61
CA PRO E 6 21.50 -12.97 23.78
C PRO E 6 22.25 -12.23 22.65
N LYS E 7 21.54 -12.02 21.56
CA LYS E 7 22.00 -11.19 20.44
C LYS E 7 21.43 -9.86 20.81
N ILE E 8 22.17 -8.81 20.54
CA ILE E 8 21.73 -7.47 20.92
C ILE E 8 21.90 -6.50 19.78
N GLN E 9 20.85 -5.73 19.48
CA GLN E 9 20.97 -4.63 18.48
C GLN E 9 20.37 -3.39 19.06
N VAL E 10 21.02 -2.26 18.84
CA VAL E 10 20.55 -0.96 19.33
C VAL E 10 20.43 -0.09 18.11
N TYR E 11 19.27 0.52 17.93
CA TYR E 11 18.98 1.31 16.74
C TYR E 11 17.76 2.18 16.92
N SER E 12 17.54 3.10 16.00
CA SER E 12 16.40 3.98 16.05
C SER E 12 15.25 3.48 15.15
N ARG E 13 14.02 3.87 15.49
CA ARG E 13 12.84 3.49 14.71
C ARG E 13 12.90 4.14 13.34
N HIS E 14 13.27 5.41 13.31
CA HIS E 14 13.37 6.15 12.09
C HIS E 14 14.79 6.63 11.89
N PRO E 15 15.16 6.95 10.64
CA PRO E 15 16.50 7.47 10.45
C PRO E 15 16.69 8.66 11.31
N ALA E 16 17.79 8.72 12.02
CA ALA E 16 18.09 9.80 12.93
C ALA E 16 18.26 11.17 12.26
N GLU E 17 17.61 12.17 12.84
CA GLU E 17 17.76 13.55 12.40
C GLU E 17 17.93 14.34 13.68
N ASN E 18 19.08 14.98 13.83
CA ASN E 18 19.36 15.74 15.03
C ASN E 18 18.24 16.71 15.35
N GLY E 19 17.76 16.69 16.60
CA GLY E 19 16.73 17.59 17.03
C GLY E 19 15.32 17.13 16.70
N LYS E 20 15.19 15.96 16.08
CA LYS E 20 13.86 15.41 15.71
C LYS E 20 13.51 14.19 16.54
N SER E 21 12.31 14.23 17.16
CA SER E 21 11.80 13.17 18.01
C SER E 21 11.82 11.79 17.29
N ASN E 22 12.15 10.74 18.04
CA ASN E 22 12.33 9.43 17.47
C ASN E 22 12.19 8.39 18.59
N PHE E 23 12.48 7.13 18.28
CA PHE E 23 12.48 6.06 19.29
C PHE E 23 13.80 5.31 19.25
N LEU E 24 14.37 5.09 20.43
CA LEU E 24 15.58 4.34 20.55
C LEU E 24 15.17 2.91 20.99
N ASN E 25 15.67 1.91 20.27
CA ASN E 25 15.35 0.56 20.51
C ASN E 25 16.53 -0.28 20.88
N CYS E 26 16.29 -1.24 21.77
CA CYS E 26 17.27 -2.23 22.08
C CYS E 26 16.53 -3.58 21.95
N TYR E 27 16.92 -4.35 20.96
CA TYR E 27 16.33 -5.60 20.67
C TYR E 27 17.22 -6.73 21.12
N VAL E 28 16.72 -7.52 22.04
CA VAL E 28 17.45 -8.63 22.56
C VAL E 28 16.73 -9.93 22.16
N SER E 29 17.45 -10.86 21.61
CA SER E 29 16.85 -12.09 21.12
C SER E 29 17.79 -13.29 21.20
N GLY E 30 17.24 -14.47 20.94
CA GLY E 30 17.98 -15.69 20.93
C GLY E 30 18.54 -16.11 22.26
N PHE E 31 17.90 -15.69 23.37
CA PHE E 31 18.44 -16.04 24.68
C PHE E 31 17.62 -17.05 25.48
N HIS E 32 18.27 -17.68 26.43
CA HIS E 32 17.61 -18.66 27.34
C HIS E 32 18.59 -18.88 28.48
N PRO E 33 18.10 -18.89 29.76
CA PRO E 33 16.72 -18.69 30.23
C PRO E 33 16.24 -17.28 30.04
N SER E 34 15.01 -16.99 30.51
CA SER E 34 14.36 -15.71 30.28
C SER E 34 14.80 -14.53 31.16
N ASP E 35 15.37 -14.77 32.32
CA ASP E 35 15.81 -13.65 33.17
C ASP E 35 16.90 -12.83 32.45
N ILE E 36 16.62 -11.57 32.23
CA ILE E 36 17.57 -10.70 31.54
C ILE E 36 17.41 -9.25 32.05
N GLU E 37 18.51 -8.52 32.10
CA GLU E 37 18.49 -7.12 32.54
C GLU E 37 18.80 -6.29 31.35
N VAL E 38 17.99 -5.29 31.08
CA VAL E 38 18.24 -4.40 29.89
C VAL E 38 17.99 -2.99 30.28
N ASP E 39 18.98 -2.13 30.00
CA ASP E 39 18.90 -0.76 30.31
C ASP E 39 19.33 0.04 29.10
N LEU E 40 18.64 1.14 28.84
CA LEU E 40 19.03 2.07 27.81
C LEU E 40 19.77 3.21 28.55
N LEU E 41 20.86 3.65 27.98
CA LEU E 41 21.71 4.65 28.60
C LEU E 41 21.90 5.90 27.73
N LYS E 42 21.98 7.06 28.38
CA LYS E 42 22.26 8.33 27.73
C LYS E 42 23.47 8.88 28.42
N ASN E 43 24.59 8.95 27.70
CA ASN E 43 25.86 9.42 28.25
C ASN E 43 26.27 8.58 29.47
N GLY E 44 26.06 7.27 29.35
CA GLY E 44 26.41 6.31 30.41
C GLY E 44 25.47 6.31 31.63
N GLU E 45 24.33 6.96 31.50
CA GLU E 45 23.38 7.06 32.58
C GLU E 45 22.03 6.42 32.21
N ARG E 46 21.48 5.61 33.14
CA ARG E 46 20.19 4.93 32.93
C ARG E 46 19.05 5.84 32.55
N ILE E 47 18.35 5.48 31.49
CA ILE E 47 17.14 6.17 31.09
C ILE E 47 16.01 5.37 31.83
N GLU E 48 15.10 6.07 32.48
CA GLU E 48 14.04 5.41 33.27
C GLU E 48 12.76 5.10 32.45
N LYS E 49 12.32 6.05 31.62
CA LYS E 49 11.10 5.87 30.81
C LYS E 49 11.31 4.94 29.62
N VAL E 50 11.56 3.68 29.94
CA VAL E 50 11.74 2.68 28.96
C VAL E 50 10.58 1.68 29.05
N GLU E 51 10.06 1.30 27.90
CA GLU E 51 9.01 0.34 27.82
C GLU E 51 9.51 -0.88 27.07
N HIS E 52 8.76 -1.96 27.12
CA HIS E 52 9.16 -3.18 26.40
C HIS E 52 7.97 -4.03 25.99
N SER E 53 8.19 -4.86 24.97
CA SER E 53 7.21 -5.78 24.54
C SER E 53 7.13 -6.90 25.58
N ASP E 54 6.06 -7.65 25.57
CA ASP E 54 5.92 -8.78 26.51
C ASP E 54 6.69 -9.93 25.99
N LEU E 55 7.28 -10.70 26.92
CA LEU E 55 8.12 -11.83 26.60
C LEU E 55 7.47 -12.83 25.64
N SER E 56 8.17 -13.11 24.55
CA SER E 56 7.71 -14.07 23.57
C SER E 56 8.93 -14.91 23.17
N PHE E 57 8.73 -15.85 22.26
CA PHE E 57 9.79 -16.72 21.87
C PHE E 57 9.66 -17.24 20.45
N SER E 58 10.80 -17.70 19.93
CA SER E 58 10.92 -18.16 18.55
C SER E 58 10.70 -19.65 18.40
N LYS E 59 10.79 -20.14 17.16
CA LYS E 59 10.59 -21.56 16.88
C LYS E 59 11.53 -22.46 17.64
N ASP E 60 12.73 -21.97 17.97
CA ASP E 60 13.72 -22.79 18.73
C ASP E 60 13.58 -22.61 20.28
N TRP E 61 12.49 -21.95 20.69
CA TRP E 61 12.17 -21.73 22.13
C TRP E 61 12.98 -20.57 22.77
N SER E 62 13.86 -19.96 21.99
CA SER E 62 14.66 -18.88 22.50
C SER E 62 13.78 -17.61 22.57
N PHE E 63 14.01 -16.83 23.58
CA PHE E 63 13.25 -15.62 23.87
C PHE E 63 13.73 -14.35 23.15
N TYR E 64 12.82 -13.39 23.01
CA TYR E 64 13.16 -12.10 22.48
C TYR E 64 12.31 -11.04 23.14
N LEU E 65 12.87 -9.83 23.23
CA LEU E 65 12.21 -8.64 23.79
C LEU E 65 12.68 -7.40 23.06
N LEU E 66 11.82 -6.42 23.00
N LEU E 66 11.80 -6.43 22.99
CA LEU E 66 12.15 -5.16 22.40
CA LEU E 66 12.10 -5.15 22.41
C LEU E 66 11.90 -4.10 23.43
C LEU E 66 11.90 -4.10 23.47
N TYR E 67 12.98 -3.40 23.82
CA TYR E 67 12.90 -2.29 24.79
C TYR E 67 12.96 -1.02 23.97
N TYR E 68 12.23 0.00 24.37
CA TYR E 68 12.22 1.22 23.59
C TYR E 68 11.85 2.42 24.39
N THR E 69 12.33 3.59 23.93
CA THR E 69 12.08 4.85 24.59
C THR E 69 12.10 6.03 23.59
N GLU E 70 11.37 7.09 23.89
CA GLU E 70 11.38 8.28 23.05
C GLU E 70 12.64 8.99 23.31
N PHE E 71 13.17 9.63 22.29
CA PHE E 71 14.35 10.41 22.48
C PHE E 71 14.55 11.31 21.32
N THR E 72 15.41 12.29 21.50
N THR E 72 15.41 12.29 21.51
CA THR E 72 15.73 13.24 20.45
CA THR E 72 15.75 13.23 20.49
C THR E 72 17.25 13.25 20.33
C THR E 72 17.26 13.22 20.34
N PRO E 73 17.76 12.64 19.26
CA PRO E 73 19.20 12.57 19.08
C PRO E 73 19.86 13.93 18.86
N THR E 74 21.08 14.08 19.39
CA THR E 74 21.88 15.28 19.22
C THR E 74 23.18 14.84 18.57
N GLU E 75 24.03 15.81 18.23
CA GLU E 75 25.32 15.51 17.64
C GLU E 75 26.24 14.87 18.65
N LYS E 76 26.28 15.43 19.86
CA LYS E 76 27.24 14.99 20.89
C LYS E 76 26.77 13.89 21.83
N ASP E 77 25.46 13.81 22.11
CA ASP E 77 24.92 12.81 23.08
C ASP E 77 25.14 11.35 22.62
N GLU E 78 25.64 10.53 23.55
CA GLU E 78 25.92 9.12 23.29
C GLU E 78 24.84 8.20 23.92
N TYR E 79 24.27 7.32 23.11
CA TYR E 79 23.26 6.40 23.63
C TYR E 79 23.77 4.99 23.51
N ALA E 80 23.25 4.12 24.33
CA ALA E 80 23.68 2.74 24.36
C ALA E 80 22.69 1.84 25.10
N CYS E 81 22.90 0.53 24.97
CA CYS E 81 22.09 -0.48 25.66
C CYS E 81 23.03 -1.33 26.45
N ARG E 82 22.64 -1.65 27.70
CA ARG E 82 23.44 -2.46 28.58
C ARG E 82 22.62 -3.68 28.93
N VAL E 83 23.22 -4.84 28.78
CA VAL E 83 22.52 -6.10 28.96
C VAL E 83 23.28 -7.05 29.85
N ASN E 84 22.57 -7.65 30.78
CA ASN E 84 23.16 -8.66 31.64
C ASN E 84 22.28 -9.91 31.58
N HIS E 85 22.91 -11.08 31.68
CA HIS E 85 22.25 -12.39 31.54
C HIS E 85 23.17 -13.40 32.21
N VAL E 86 22.63 -14.56 32.62
N VAL E 86 22.62 -14.55 32.62
CA VAL E 86 23.45 -15.59 33.30
CA VAL E 86 23.42 -15.57 33.30
C VAL E 86 24.63 -16.01 32.45
C VAL E 86 24.62 -16.03 32.45
N THR E 87 24.50 -15.92 31.12
CA THR E 87 25.58 -16.32 30.22
C THR E 87 26.73 -15.27 30.17
N LEU E 88 26.44 -14.05 30.63
CA LEU E 88 27.43 -12.99 30.62
C LEU E 88 28.06 -12.81 32.04
N SER E 89 29.38 -12.89 32.11
CA SER E 89 30.10 -12.71 33.38
C SER E 89 30.25 -11.22 33.66
N GLN E 90 29.95 -10.43 32.67
CA GLN E 90 30.03 -9.01 32.75
C GLN E 90 29.04 -8.44 31.73
N PRO E 91 28.28 -7.42 32.13
CA PRO E 91 27.30 -6.80 31.27
C PRO E 91 27.86 -6.31 29.92
N LYS E 92 27.13 -6.54 28.84
CA LYS E 92 27.52 -6.05 27.50
C LYS E 92 26.95 -4.70 27.27
N ILE E 93 27.78 -3.80 26.77
CA ILE E 93 27.36 -2.47 26.45
C ILE E 93 27.47 -2.30 24.95
N VAL E 94 26.36 -2.04 24.27
CA VAL E 94 26.39 -1.83 22.85
C VAL E 94 26.00 -0.38 22.57
N LYS E 95 26.89 0.35 21.92
N LYS E 95 26.90 0.34 21.90
CA LYS E 95 26.65 1.76 21.63
CA LYS E 95 26.67 1.75 21.59
C LYS E 95 25.79 1.97 20.40
C LYS E 95 25.74 1.93 20.41
N TRP E 96 24.96 3.01 20.43
CA TRP E 96 24.11 3.33 19.36
C TRP E 96 24.92 4.02 18.25
N ASP E 97 24.80 3.48 17.03
CA ASP E 97 25.39 4.09 15.81
C ASP E 97 24.22 4.35 14.90
N ARG E 98 24.03 5.62 14.56
CA ARG E 98 22.90 6.04 13.73
C ARG E 98 22.85 5.41 12.33
N ASP E 99 23.97 4.81 11.86
CA ASP E 99 23.95 4.14 10.58
C ASP E 99 24.15 2.62 10.72
N MET E 100 23.72 2.06 11.84
CA MET E 100 23.73 0.59 12.08
C MET E 100 22.46 0.14 12.76
N GLU F 1 -9.20 -15.62 20.87
CA GLU F 1 -9.46 -15.95 22.32
C GLU F 1 -8.76 -17.25 22.70
N LEU F 2 -8.47 -17.39 24.00
CA LEU F 2 -7.77 -18.59 24.54
C LEU F 2 -8.58 -19.88 24.47
N ALA F 3 -7.88 -21.00 24.47
CA ALA F 3 -8.51 -22.30 24.46
C ALA F 3 -9.16 -22.55 25.82
N ALA F 4 -10.37 -23.08 25.80
CA ALA F 4 -11.13 -23.44 27.02
C ALA F 4 -11.07 -24.92 27.24
N ILE F 5 -10.51 -25.62 26.26
CA ILE F 5 -10.40 -27.07 26.29
C ILE F 5 -9.03 -27.49 25.77
N GLY F 6 -8.60 -28.69 26.16
CA GLY F 6 -7.34 -29.25 25.66
C GLY F 6 -6.07 -28.81 26.38
N ILE F 7 -6.23 -28.06 27.47
CA ILE F 7 -5.11 -27.60 28.27
C ILE F 7 -5.14 -28.38 29.59
N LEU F 8 -4.37 -29.44 29.64
CA LEU F 8 -4.35 -30.31 30.78
C LEU F 8 -2.94 -30.40 31.31
N THR F 9 -2.81 -30.57 32.61
CA THR F 9 -1.52 -30.72 33.24
C THR F 9 -0.77 -31.91 32.62
N VAL F 10 0.55 -31.77 32.50
CA VAL F 10 1.43 -32.84 31.96
C VAL F 10 1.53 -34.05 32.91
C1 GOL G . -0.97 2.15 -34.30
O1 GOL G . -1.94 1.16 -34.45
C2 GOL G . -0.81 2.87 -35.60
O2 GOL G . -1.94 2.59 -36.40
C3 GOL G . -0.66 4.40 -35.40
O3 GOL G . 0.61 4.85 -35.90
C1 EDO H . -19.44 13.34 -42.76
O1 EDO H . -20.13 12.40 -41.96
C2 EDO H . -18.93 14.46 -41.88
O2 EDO H . -18.61 15.58 -42.70
C1 EDO I . -9.52 8.75 -40.43
O1 EDO I . -9.36 9.18 -39.08
C2 EDO I . -10.86 9.22 -40.95
O2 EDO I . -11.88 8.44 -40.37
S SO4 J . -29.66 17.22 -22.07
O1 SO4 J . -29.71 17.27 -23.52
O2 SO4 J . -28.30 16.87 -21.64
O3 SO4 J . -30.04 18.53 -21.52
O4 SO4 J . -30.55 16.20 -21.57
S SO4 K . -14.03 7.48 -16.36
O1 SO4 K . -13.90 8.78 -17.02
O2 SO4 K . -12.94 7.34 -15.37
O3 SO4 K . -15.33 7.37 -15.70
O4 SO4 K . -13.90 6.42 -17.35
C1 GOL L . 12.02 24.36 -24.41
O1 GOL L . 12.89 23.35 -23.86
C2 GOL L . 11.98 25.61 -23.51
O2 GOL L . 12.78 25.38 -22.38
C3 GOL L . 12.46 26.85 -24.28
O3 GOL L . 11.43 27.30 -25.12
C1 GOL M . -11.26 24.13 -18.74
O1 GOL M . -12.58 23.85 -19.18
C2 GOL M . -10.78 25.52 -19.22
O2 GOL M . -10.78 25.60 -20.62
C3 GOL M . -9.39 25.77 -18.72
O3 GOL M . -8.89 26.98 -19.19
C1 GOL N . 7.23 13.92 -9.95
O1 GOL N . 6.53 13.41 -8.86
C2 GOL N . 6.57 15.17 -10.55
O2 GOL N . 5.46 14.82 -11.12
C3 GOL N . 7.50 15.75 -11.64
O3 GOL N . 7.32 17.13 -11.93
C1 GOL O . 4.82 22.88 -14.70
O1 GOL O . 5.98 22.13 -14.41
C2 GOL O . 3.55 21.98 -14.40
O2 GOL O . 2.64 22.33 -15.17
C3 GOL O . 3.06 22.07 -12.95
O3 GOL O . 1.68 21.57 -12.72
C1 EDO P . 7.81 15.80 -6.81
O1 EDO P . 7.84 14.49 -6.19
C2 EDO P . 9.00 16.62 -6.34
O2 EDO P . 8.83 17.00 -4.94
S SO4 Q . 23.62 16.02 -10.18
O1 SO4 Q . 23.54 17.17 -11.08
O2 SO4 Q . 24.68 16.30 -9.19
O3 SO4 Q . 22.38 15.84 -9.46
O4 SO4 Q . 23.94 14.81 -10.92
S SO4 R . -4.63 23.25 -34.16
O1 SO4 R . -3.81 24.01 -33.22
O2 SO4 R . -4.56 21.83 -33.86
O3 SO4 R . -6.03 23.70 -34.06
O4 SO4 R . -4.15 23.48 -35.53
C1 EDO S . 7.32 -8.15 20.13
O1 EDO S . 6.84 -8.91 19.01
C2 EDO S . 8.78 -7.71 19.89
O2 EDO S . 8.93 -7.28 18.53
C1 EDO T . 19.69 4.95 8.93
O1 EDO T . 18.65 4.73 7.97
C2 EDO T . 20.72 5.91 8.38
O2 EDO T . 21.02 5.57 7.02
N1 EPE U . 19.30 -30.27 40.10
C2 EPE U . 19.81 -31.28 39.17
C3 EPE U . 19.13 -31.12 37.82
N4 EPE U . 19.27 -29.77 37.27
C5 EPE U . 18.83 -28.78 38.25
C6 EPE U . 19.56 -28.93 39.57
C7 EPE U . 18.49 -29.62 36.03
C8 EPE U . 18.77 -30.73 35.00
O8 EPE U . 18.38 -30.31 33.71
C9 EPE U . 19.90 -30.51 41.45
C10 EPE U . 20.73 -29.33 41.96
S EPE U . 22.49 -29.56 41.62
O1S EPE U . 22.64 -30.26 40.34
O2S EPE U . 23.16 -28.23 41.57
O3S EPE U . 23.09 -30.37 42.70
C1 GOL V . 24.88 -4.06 15.37
O1 GOL V . 25.84 -4.24 14.33
C2 GOL V . 23.73 -3.09 14.94
O2 GOL V . 22.77 -3.80 14.35
C3 GOL V . 23.04 -2.35 16.10
O3 GOL V . 23.59 -2.66 17.34
C1 GOL W . 27.90 7.40 14.62
O1 GOL W . 29.25 6.97 14.73
C2 GOL W . 27.41 7.97 15.97
O2 GOL W . 28.12 7.36 17.03
C3 GOL W . 25.88 7.73 16.15
O3 GOL W . 25.32 8.61 17.14
C1 EDO X . 17.63 3.31 11.90
O1 EDO X . 17.72 2.13 12.64
C2 EDO X . 16.94 3.01 10.62
O2 EDO X . 16.35 4.24 10.12
#